data_6E4U
#
_entry.id   6E4U
#
_cell.length_a   124.500
_cell.length_b   124.500
_cell.length_c   402.780
_cell.angle_alpha   90.000
_cell.angle_beta   90.000
_cell.angle_gamma   120.000
#
_symmetry.space_group_name_H-M   'P 61 2 2'
#
loop_
_entity.id
_entity.type
_entity.pdbx_description
1 polymer "5'-AMP-activated protein kinase catalytic subunit alpha-1"
2 polymer "5'-AMP-activated protein kinase subunit beta-1"
3 polymer "5'-AMP-activated protein kinase subunit gamma-1"
4 non-polymer STAUROSPORINE
5 non-polymer '1-O-{6-chloro-5-[6-(dimethylamino)-2-methoxypyridin-3-yl]-1H-indole-3-carbonyl}-beta-D-glucopyranuronic acid'
6 non-polymer 'CHLORIDE ION'
7 non-polymer 'ADENOSINE MONOPHOSPHATE'
8 non-polymer "ADENOSINE-5'-DIPHOSPHATE"
9 non-polymer 'SULFATE ION'
#
loop_
_entity_poly.entity_id
_entity_poly.type
_entity_poly.pdbx_seq_one_letter_code
_entity_poly.pdbx_strand_id
1 'polypeptide(L)'
;GATAEKQKHDGRVKIGHYILGDTLGVGTFGKVKVGKHELTGHKVAVKILNRQKIRSLDVVGKIRREIQNLKLFRHPHIIK
LYQVISTPSDIFMVMEYVSGGELFDYICKNGRLDEKESRRLFQQILSGVDYCHRHMVVHRDLKPENVLLDAHMNAKIADF
GLSNMMSDGEFLR(TPO)SCGSPNYAAPEVISGRLYAGPEVDIWSSGVILYALLCGTLPFDDDHVPTLFKKICDGIFYTP
QYLNPSVISLLKHMLQVDPMKRATIKDIREHEWFKQDLPKYLFPEDPSYSSTMIDDEALKEVCEKFECSEEEVLSCLYNR
NHQDPLAVAYHLIIDNRRIMNEAKDFYLATSPPDSFLDDHHLTRPHPERVPFLVAETPRARHTLDELNPQKSKHQGVRKA
KWHLGIRSQSRPNDIMAEVCRAIKQLDYEWKVVNPYYLRVRRKNPVTSTFSKMSLQLYQVDSRTYLLDFRSIDDEASGGP
GGSAPRPGSHTIEFFEMCANLIKILAQ
;
A
2 'polypeptide(L)'
;MEVNEKAPAQARPTVFRWTGGGKEVYLSGSFNNWSKLPLTR(SEP)QNNFVAILDLPEGEHQYKFFVDGQWTHDPSEPIV
TSQLGTVNNIIQVKKTDFEVFDALMVDSQKCSDVSELSSSPPGPYHQEPYISKPEERFKAPPILPPHLLQVILNKDTGIS
CDPALLPEPNHVMLNHLYALSIKDGVMVLSATHRYKKKYVTTLLYKPI
;
B
3 'polypeptide(L)'
;MESVAAESAPAPENEHSQETPESNSSVYTTFMKSHRCYDLIPTSSKLVVFDTSLQVKKAFFALVTNGVRAAPLWDSKKQS
FVGMLTITDFINILHRYYKSALVQIYELEEHKIETWREVYLQDSFKPLVCISPNASLFDAVSSLIRNKIHRLPVIDPESG
NTLYILTHKRILKFLKLFITEFPKPEFMSKSLEELQIGTYANIAMVRTTTPVYVALGIFVQHRVSALPVVDEKGRVVDIY
SKFDVINLAAEKTYNNLDVSVTKALQHRSHYFEGVLKCYLHETLEAIINRLVEAEVHRLVVVDEHDVVKGIVSLSDILQA
LVLTGGEKKP
;
C
#
# COMPACT_ATOMS: atom_id res chain seq x y z
N GLY A 11 29.10 -41.46 -15.85
CA GLY A 11 28.26 -40.81 -16.84
C GLY A 11 26.96 -40.27 -16.30
N ARG A 12 27.03 -39.56 -15.15
CA ARG A 12 25.88 -38.97 -14.46
C ARG A 12 25.86 -37.46 -14.60
N VAL A 13 24.68 -36.91 -14.92
CA VAL A 13 24.44 -35.48 -15.14
C VAL A 13 24.44 -34.75 -13.77
N LYS A 14 25.32 -33.76 -13.58
CA LYS A 14 25.43 -33.03 -12.31
C LYS A 14 25.31 -31.52 -12.45
N ILE A 15 24.56 -30.92 -11.53
CA ILE A 15 24.40 -29.47 -11.38
C ILE A 15 24.49 -29.17 -9.88
N GLY A 16 25.44 -28.33 -9.51
CA GLY A 16 25.79 -28.07 -8.13
C GLY A 16 26.63 -29.27 -7.77
N HIS A 17 26.19 -30.07 -6.80
CA HIS A 17 26.85 -31.34 -6.49
C HIS A 17 25.81 -32.45 -6.46
N TYR A 18 24.60 -32.09 -6.90
CA TYR A 18 23.45 -32.96 -6.99
C TYR A 18 23.44 -33.62 -8.35
N ILE A 19 23.22 -34.93 -8.37
CA ILE A 19 23.15 -35.69 -9.61
C ILE A 19 21.69 -35.66 -10.07
N LEU A 20 21.46 -35.08 -11.26
CA LEU A 20 20.13 -34.97 -11.88
C LEU A 20 19.61 -36.33 -12.31
N GLY A 21 18.37 -36.60 -11.92
CA GLY A 21 17.71 -37.86 -12.20
C GLY A 21 16.36 -37.72 -12.85
N ASP A 22 15.41 -38.58 -12.42
CA ASP A 22 14.04 -38.68 -12.94
C ASP A 22 13.28 -37.37 -12.95
N THR A 23 12.46 -37.16 -13.99
CA THR A 23 11.64 -35.96 -14.11
C THR A 23 10.41 -36.15 -13.23
N LEU A 24 10.19 -35.22 -12.31
CA LEU A 24 9.07 -35.19 -11.37
C LEU A 24 7.79 -34.74 -12.06
N GLY A 25 7.93 -33.86 -13.03
CA GLY A 25 6.85 -33.33 -13.84
C GLY A 25 7.29 -32.18 -14.70
N VAL A 26 6.38 -31.62 -15.51
CA VAL A 26 6.65 -30.47 -16.36
C VAL A 26 5.88 -29.27 -15.81
N GLY A 27 6.61 -28.32 -15.23
CA GLY A 27 6.06 -27.12 -14.62
C GLY A 27 5.50 -26.11 -15.61
N THR A 28 5.35 -24.85 -15.14
CA THR A 28 4.83 -23.77 -15.97
C THR A 28 5.80 -23.45 -17.11
N PHE A 29 7.13 -23.29 -16.83
CA PHE A 29 8.05 -22.97 -17.93
C PHE A 29 9.21 -23.97 -18.18
N GLY A 30 9.16 -25.17 -17.58
CA GLY A 30 10.20 -26.18 -17.79
C GLY A 30 10.05 -27.46 -17.01
N LYS A 31 10.88 -28.48 -17.34
CA LYS A 31 10.91 -29.79 -16.67
C LYS A 31 11.44 -29.62 -15.24
N VAL A 32 10.95 -30.45 -14.31
CA VAL A 32 11.40 -30.45 -12.91
C VAL A 32 11.95 -31.83 -12.63
N LYS A 33 13.27 -31.95 -12.43
CA LYS A 33 13.92 -33.23 -12.19
C LYS A 33 14.43 -33.35 -10.75
N VAL A 34 14.57 -34.60 -10.26
CA VAL A 34 15.13 -34.84 -8.92
C VAL A 34 16.64 -34.66 -9.02
N GLY A 35 17.24 -34.22 -7.92
CA GLY A 35 18.67 -34.04 -7.77
C GLY A 35 19.04 -34.68 -6.46
N LYS A 36 20.04 -35.57 -6.47
CA LYS A 36 20.51 -36.26 -5.26
C LYS A 36 21.97 -35.91 -5.06
N HIS A 37 22.32 -35.33 -3.90
CA HIS A 37 23.69 -34.92 -3.60
C HIS A 37 24.71 -36.06 -3.65
N GLU A 38 25.83 -35.80 -4.35
CA GLU A 38 26.98 -36.69 -4.54
C GLU A 38 27.41 -37.38 -3.24
N LEU A 39 27.54 -36.58 -2.16
CA LEU A 39 28.06 -37.00 -0.86
C LEU A 39 27.02 -37.27 0.21
N THR A 40 26.04 -36.38 0.38
CA THR A 40 25.05 -36.52 1.46
C THR A 40 23.80 -37.33 1.07
N GLY A 41 23.47 -37.34 -0.21
CA GLY A 41 22.28 -38.00 -0.72
C GLY A 41 21.03 -37.15 -0.54
N HIS A 42 21.23 -35.86 -0.20
CA HIS A 42 20.14 -34.90 -0.01
C HIS A 42 19.40 -34.75 -1.32
N LYS A 43 18.07 -34.81 -1.29
CA LYS A 43 17.27 -34.69 -2.50
C LYS A 43 16.66 -33.30 -2.67
N VAL A 44 16.78 -32.75 -3.89
CA VAL A 44 16.25 -31.44 -4.29
C VAL A 44 15.45 -31.60 -5.58
N ALA A 45 14.58 -30.62 -5.88
CA ALA A 45 13.83 -30.56 -7.12
C ALA A 45 14.45 -29.43 -7.94
N VAL A 46 14.81 -29.72 -9.21
CA VAL A 46 15.48 -28.74 -10.09
C VAL A 46 14.61 -28.38 -11.28
N LYS A 47 14.15 -27.11 -11.35
CA LYS A 47 13.36 -26.62 -12.48
C LYS A 47 14.34 -26.11 -13.54
N ILE A 48 14.35 -26.75 -14.73
CA ILE A 48 15.26 -26.38 -15.82
C ILE A 48 14.59 -25.40 -16.78
N LEU A 49 15.07 -24.13 -16.79
CA LEU A 49 14.54 -23.08 -17.66
C LEU A 49 15.54 -22.80 -18.78
N ASN A 50 15.20 -23.15 -20.02
CA ASN A 50 16.10 -22.87 -21.14
C ASN A 50 16.03 -21.39 -21.45
N ARG A 51 17.18 -20.71 -21.40
CA ARG A 51 17.32 -19.27 -21.66
C ARG A 51 16.65 -18.87 -22.98
N GLN A 52 16.95 -19.60 -24.09
CA GLN A 52 16.37 -19.33 -25.41
C GLN A 52 14.85 -19.56 -25.49
N LYS A 53 14.30 -20.49 -24.68
CA LYS A 53 12.86 -20.78 -24.65
C LYS A 53 12.11 -19.72 -23.82
N ILE A 54 12.68 -19.30 -22.66
CA ILE A 54 12.03 -18.29 -21.81
C ILE A 54 11.96 -16.94 -22.55
N ARG A 55 12.93 -16.66 -23.47
CA ARG A 55 12.86 -15.41 -24.22
C ARG A 55 11.90 -15.54 -25.42
N SER A 56 11.69 -16.77 -25.94
CA SER A 56 10.77 -17.05 -27.05
C SER A 56 9.34 -16.68 -26.67
N LEU A 57 8.85 -17.24 -25.56
CA LEU A 57 7.54 -16.90 -25.02
C LEU A 57 7.74 -15.80 -23.95
N ASP A 58 8.39 -14.67 -24.35
CA ASP A 58 8.76 -13.48 -23.55
C ASP A 58 8.27 -13.45 -22.08
N VAL A 59 8.97 -14.22 -21.23
CA VAL A 59 8.68 -14.36 -19.79
C VAL A 59 9.95 -14.11 -18.97
N VAL A 60 10.97 -13.51 -19.59
CA VAL A 60 12.24 -13.18 -18.95
C VAL A 60 12.01 -12.33 -17.68
N GLY A 61 11.06 -11.40 -17.75
CA GLY A 61 10.67 -10.56 -16.63
C GLY A 61 9.94 -11.33 -15.55
N LYS A 62 9.03 -12.24 -15.98
CA LYS A 62 8.23 -13.12 -15.11
C LYS A 62 9.14 -13.97 -14.22
N ILE A 63 10.16 -14.61 -14.84
CA ILE A 63 11.15 -15.48 -14.18
C ILE A 63 12.04 -14.68 -13.24
N ARG A 64 12.48 -13.47 -13.67
CA ARG A 64 13.30 -12.55 -12.89
C ARG A 64 12.61 -12.24 -11.55
N ARG A 65 11.29 -11.91 -11.61
CA ARG A 65 10.43 -11.59 -10.46
C ARG A 65 10.20 -12.83 -9.59
N GLU A 66 9.85 -13.96 -10.23
CA GLU A 66 9.58 -15.27 -9.62
C GLU A 66 10.76 -15.70 -8.74
N ILE A 67 11.99 -15.57 -9.29
CA ILE A 67 13.23 -15.90 -8.59
C ILE A 67 13.45 -14.93 -7.41
N GLN A 68 13.24 -13.61 -7.64
CA GLN A 68 13.36 -12.56 -6.63
C GLN A 68 12.48 -12.81 -5.41
N ASN A 69 11.21 -13.20 -5.63
CA ASN A 69 10.22 -13.47 -4.58
C ASN A 69 10.58 -14.72 -3.80
N LEU A 70 10.64 -15.87 -4.48
CA LEU A 70 10.93 -17.18 -3.90
C LEU A 70 12.25 -17.26 -3.12
N LYS A 71 13.21 -16.37 -3.44
CA LYS A 71 14.51 -16.32 -2.78
C LYS A 71 14.38 -15.74 -1.37
N LEU A 72 13.49 -14.75 -1.17
CA LEU A 72 13.31 -14.12 0.15
C LEU A 72 12.16 -14.71 0.97
N PHE A 73 11.35 -15.61 0.38
CA PHE A 73 10.27 -16.28 1.10
C PHE A 73 10.85 -17.34 2.02
N ARG A 74 10.12 -17.68 3.09
CA ARG A 74 10.50 -18.72 4.03
C ARG A 74 9.29 -19.06 4.90
N HIS A 75 8.44 -19.96 4.38
CA HIS A 75 7.24 -20.39 5.06
C HIS A 75 7.22 -21.91 5.08
N PRO A 76 6.83 -22.54 6.21
CA PRO A 76 6.86 -24.02 6.30
C PRO A 76 5.93 -24.78 5.35
N HIS A 77 5.10 -24.06 4.56
CA HIS A 77 4.13 -24.66 3.64
C HIS A 77 4.21 -24.09 2.23
N ILE A 78 5.37 -23.50 1.87
CA ILE A 78 5.73 -23.00 0.54
C ILE A 78 7.13 -23.58 0.24
N ILE A 79 7.28 -24.21 -0.94
CA ILE A 79 8.54 -24.82 -1.39
C ILE A 79 9.67 -23.79 -1.39
N LYS A 80 10.76 -24.09 -0.65
CA LYS A 80 11.93 -23.23 -0.55
C LYS A 80 12.78 -23.32 -1.81
N LEU A 81 13.19 -22.17 -2.38
CA LEU A 81 14.11 -22.09 -3.52
C LEU A 81 15.48 -21.88 -2.88
N TYR A 82 16.27 -22.94 -2.86
CA TYR A 82 17.60 -22.94 -2.24
C TYR A 82 18.61 -22.07 -2.96
N GLN A 83 18.75 -22.23 -4.29
CA GLN A 83 19.69 -21.46 -5.12
C GLN A 83 19.32 -21.53 -6.60
N VAL A 84 19.79 -20.54 -7.38
CA VAL A 84 19.59 -20.51 -8.83
C VAL A 84 20.97 -20.60 -9.49
N ILE A 85 21.23 -21.69 -10.20
CA ILE A 85 22.50 -21.90 -10.89
C ILE A 85 22.29 -21.49 -12.35
N SER A 86 23.05 -20.52 -12.84
CA SER A 86 22.93 -20.06 -14.22
C SER A 86 24.06 -20.58 -15.09
N THR A 87 23.72 -21.02 -16.31
CA THR A 87 24.66 -21.53 -17.32
C THR A 87 24.42 -20.74 -18.62
N PRO A 88 25.33 -20.79 -19.64
CA PRO A 88 25.07 -20.03 -20.88
C PRO A 88 23.76 -20.44 -21.57
N SER A 89 23.51 -21.76 -21.59
CA SER A 89 22.36 -22.44 -22.18
C SER A 89 21.07 -22.37 -21.39
N ASP A 90 21.12 -22.74 -20.08
CA ASP A 90 19.95 -22.85 -19.19
C ASP A 90 20.14 -22.26 -17.77
N ILE A 91 19.01 -22.06 -17.08
CA ILE A 91 18.90 -21.56 -15.72
C ILE A 91 18.31 -22.70 -14.88
N PHE A 92 18.98 -23.06 -13.78
CA PHE A 92 18.58 -24.16 -12.90
C PHE A 92 18.09 -23.66 -11.55
N MET A 93 16.81 -23.89 -11.24
CA MET A 93 16.24 -23.49 -9.95
C MET A 93 16.25 -24.68 -8.99
N VAL A 94 17.16 -24.65 -8.01
CA VAL A 94 17.31 -25.73 -7.02
C VAL A 94 16.36 -25.42 -5.86
N MET A 95 15.38 -26.31 -5.62
CA MET A 95 14.33 -26.15 -4.58
C MET A 95 14.20 -27.36 -3.67
N GLU A 96 13.45 -27.23 -2.55
CA GLU A 96 13.23 -28.35 -1.63
C GLU A 96 12.35 -29.44 -2.21
N TYR A 97 12.78 -30.70 -2.02
CA TYR A 97 12.06 -31.87 -2.52
C TYR A 97 11.16 -32.46 -1.43
N VAL A 98 9.91 -32.81 -1.81
CA VAL A 98 8.94 -33.48 -0.93
C VAL A 98 8.54 -34.84 -1.55
N SER A 99 8.66 -35.92 -0.77
CA SER A 99 8.40 -37.29 -1.21
C SER A 99 6.93 -37.62 -1.52
N GLY A 100 6.01 -37.09 -0.72
CA GLY A 100 4.57 -37.32 -0.82
C GLY A 100 3.87 -37.02 -2.13
N GLY A 101 4.52 -36.24 -2.99
CA GLY A 101 3.98 -35.87 -4.29
C GLY A 101 2.74 -35.01 -4.22
N GLU A 102 1.94 -35.03 -5.31
CA GLU A 102 0.72 -34.25 -5.43
C GLU A 102 -0.33 -34.57 -4.37
N LEU A 103 -0.99 -33.53 -3.87
CA LEU A 103 -2.10 -33.66 -2.91
C LEU A 103 -3.26 -34.27 -3.69
N PHE A 104 -3.38 -33.90 -4.99
CA PHE A 104 -4.36 -34.40 -5.93
C PHE A 104 -4.31 -35.92 -5.98
N ASP A 105 -3.12 -36.48 -6.26
CA ASP A 105 -2.92 -37.93 -6.31
C ASP A 105 -3.31 -38.57 -4.97
N TYR A 106 -2.97 -37.91 -3.82
CA TYR A 106 -3.35 -38.44 -2.51
C TYR A 106 -4.88 -38.60 -2.43
N ILE A 107 -5.62 -37.55 -2.83
CA ILE A 107 -7.08 -37.52 -2.86
C ILE A 107 -7.61 -38.56 -3.88
N CYS A 108 -6.81 -38.91 -4.91
CA CYS A 108 -7.23 -39.93 -5.88
C CYS A 108 -7.14 -41.31 -5.24
N LYS A 109 -5.93 -41.69 -4.76
CA LYS A 109 -5.59 -42.99 -4.18
C LYS A 109 -6.43 -43.29 -2.95
N ASN A 110 -6.37 -42.40 -1.97
CA ASN A 110 -7.17 -42.45 -0.74
C ASN A 110 -8.36 -41.60 -1.10
N GLY A 111 -9.45 -41.66 -0.37
CA GLY A 111 -10.62 -40.89 -0.75
C GLY A 111 -10.57 -39.45 -0.31
N ARG A 112 -11.72 -38.96 0.20
CA ARG A 112 -11.80 -37.63 0.75
C ARG A 112 -11.15 -37.71 2.14
N LEU A 113 -10.59 -36.60 2.60
CA LEU A 113 -9.95 -36.52 3.91
C LEU A 113 -11.05 -36.29 4.95
N ASP A 114 -10.88 -36.82 6.17
CA ASP A 114 -11.86 -36.62 7.24
C ASP A 114 -11.80 -35.17 7.73
N GLU A 115 -12.86 -34.68 8.41
CA GLU A 115 -12.96 -33.29 8.90
C GLU A 115 -11.66 -32.78 9.53
N LYS A 116 -11.09 -33.57 10.47
CA LYS A 116 -9.85 -33.28 11.20
C LYS A 116 -8.67 -33.17 10.23
N GLU A 117 -8.51 -34.17 9.33
CA GLU A 117 -7.44 -34.19 8.34
C GLU A 117 -7.52 -33.03 7.36
N SER A 118 -8.74 -32.76 6.83
CA SER A 118 -9.03 -31.69 5.88
C SER A 118 -8.74 -30.35 6.51
N ARG A 119 -9.19 -30.16 7.77
CA ARG A 119 -8.99 -28.92 8.51
C ARG A 119 -7.52 -28.60 8.67
N ARG A 120 -6.72 -29.63 9.06
CA ARG A 120 -5.29 -29.48 9.26
C ARG A 120 -4.63 -28.98 8.00
N LEU A 121 -4.80 -29.71 6.88
CA LEU A 121 -4.23 -29.37 5.58
C LEU A 121 -4.69 -28.02 5.07
N PHE A 122 -5.99 -27.68 5.23
CA PHE A 122 -6.53 -26.39 4.80
C PHE A 122 -5.87 -25.22 5.52
N GLN A 123 -5.66 -25.36 6.85
CA GLN A 123 -4.99 -24.35 7.67
C GLN A 123 -3.57 -24.09 7.13
N GLN A 124 -2.80 -25.17 6.86
CA GLN A 124 -1.45 -25.11 6.32
C GLN A 124 -1.40 -24.41 4.96
N ILE A 125 -2.29 -24.81 4.01
CA ILE A 125 -2.40 -24.22 2.67
C ILE A 125 -2.70 -22.74 2.81
N LEU A 126 -3.77 -22.39 3.57
CA LEU A 126 -4.17 -21.00 3.75
C LEU A 126 -3.08 -20.14 4.41
N SER A 127 -2.30 -20.73 5.35
CA SER A 127 -1.19 -20.04 6.00
C SER A 127 -0.19 -19.55 4.95
N GLY A 128 0.10 -20.41 3.96
CA GLY A 128 1.00 -20.10 2.86
C GLY A 128 0.43 -19.07 1.93
N VAL A 129 -0.86 -19.25 1.51
CA VAL A 129 -1.59 -18.34 0.60
C VAL A 129 -1.59 -16.95 1.23
N ASP A 130 -1.69 -16.90 2.57
CA ASP A 130 -1.64 -15.67 3.33
C ASP A 130 -0.23 -15.05 3.24
N TYR A 131 0.83 -15.83 3.59
CA TYR A 131 2.25 -15.42 3.53
C TYR A 131 2.56 -14.76 2.19
N CYS A 132 2.07 -15.35 1.08
CA CYS A 132 2.24 -14.83 -0.27
C CYS A 132 1.65 -13.44 -0.39
N HIS A 133 0.35 -13.32 -0.02
CA HIS A 133 -0.42 -12.08 -0.06
C HIS A 133 0.19 -10.99 0.78
N ARG A 134 0.67 -11.34 1.99
CA ARG A 134 1.37 -10.46 2.94
C ARG A 134 2.63 -9.90 2.28
N HIS A 135 3.28 -10.70 1.39
CA HIS A 135 4.47 -10.31 0.64
C HIS A 135 4.13 -9.80 -0.76
N MET A 136 2.89 -9.31 -0.96
CA MET A 136 2.37 -8.74 -2.22
C MET A 136 2.54 -9.66 -3.44
N VAL A 137 2.48 -10.99 -3.20
CA VAL A 137 2.58 -12.01 -4.26
C VAL A 137 1.28 -12.80 -4.25
N VAL A 138 0.65 -12.88 -5.43
CA VAL A 138 -0.59 -13.63 -5.54
C VAL A 138 -0.35 -14.81 -6.49
N HIS A 139 -0.31 -16.03 -5.92
CA HIS A 139 -0.08 -17.25 -6.67
C HIS A 139 -1.37 -17.62 -7.37
N ARG A 140 -1.56 -17.19 -8.63
CA ARG A 140 -2.74 -17.64 -9.36
C ARG A 140 -2.45 -19.14 -9.65
N ASP A 141 -3.44 -19.93 -10.11
CA ASP A 141 -3.23 -21.36 -10.42
C ASP A 141 -2.87 -22.20 -9.16
N LEU A 142 -3.73 -22.07 -8.14
CA LEU A 142 -3.63 -22.74 -6.85
C LEU A 142 -4.58 -23.96 -6.92
N LYS A 143 -4.03 -25.17 -7.00
CA LYS A 143 -4.83 -26.41 -7.12
C LYS A 143 -4.18 -27.61 -6.37
N PRO A 144 -4.90 -28.72 -6.07
CA PRO A 144 -4.25 -29.85 -5.38
C PRO A 144 -3.07 -30.44 -6.16
N GLU A 145 -3.09 -30.27 -7.49
CA GLU A 145 -2.01 -30.70 -8.37
C GLU A 145 -0.74 -29.86 -8.07
N ASN A 146 -0.89 -28.61 -7.58
CA ASN A 146 0.21 -27.71 -7.23
C ASN A 146 0.47 -27.63 -5.72
N VAL A 147 -0.26 -28.43 -4.93
CA VAL A 147 -0.03 -28.50 -3.48
C VAL A 147 0.66 -29.83 -3.28
N LEU A 148 1.91 -29.80 -2.86
CA LEU A 148 2.65 -31.05 -2.65
C LEU A 148 2.64 -31.44 -1.17
N LEU A 149 2.84 -32.74 -0.89
CA LEU A 149 2.88 -33.26 0.46
C LEU A 149 4.25 -33.82 0.79
N ASP A 150 4.70 -33.63 2.05
CA ASP A 150 5.98 -34.16 2.50
C ASP A 150 5.78 -35.51 3.17
N ALA A 151 6.86 -36.11 3.71
CA ALA A 151 6.81 -37.41 4.37
C ALA A 151 5.83 -37.43 5.55
N HIS A 152 5.66 -36.27 6.22
CA HIS A 152 4.80 -36.10 7.38
C HIS A 152 3.45 -35.45 7.08
N MET A 153 3.03 -35.50 5.81
CA MET A 153 1.72 -35.02 5.35
C MET A 153 1.51 -33.48 5.56
N ASN A 154 2.53 -32.68 5.23
CA ASN A 154 2.47 -31.22 5.33
C ASN A 154 2.34 -30.62 3.95
N ALA A 155 1.37 -29.71 3.80
CA ALA A 155 1.11 -29.01 2.55
C ALA A 155 2.31 -28.17 2.13
N LYS A 156 2.54 -28.02 0.82
CA LYS A 156 3.66 -27.27 0.27
C LYS A 156 3.23 -26.65 -1.07
N ILE A 157 2.95 -25.33 -1.11
CA ILE A 157 2.54 -24.62 -2.35
C ILE A 157 3.74 -24.63 -3.32
N ALA A 158 3.55 -24.99 -4.62
CA ALA A 158 4.71 -25.17 -5.48
C ALA A 158 4.78 -24.47 -6.86
N ASP A 159 3.70 -24.23 -7.60
CA ASP A 159 4.05 -23.65 -8.91
C ASP A 159 3.83 -22.15 -8.99
N PHE A 160 4.91 -21.40 -8.83
CA PHE A 160 4.78 -19.95 -8.86
C PHE A 160 4.99 -19.35 -10.26
N GLY A 161 4.89 -20.19 -11.29
CA GLY A 161 5.03 -19.79 -12.69
C GLY A 161 3.99 -18.78 -13.13
N LEU A 162 2.74 -18.98 -12.69
CA LEU A 162 1.61 -18.10 -13.02
C LEU A 162 1.31 -17.06 -11.94
N SER A 163 2.17 -16.93 -10.92
CA SER A 163 2.02 -15.92 -9.86
C SER A 163 2.26 -14.50 -10.41
N ASN A 164 1.90 -13.47 -9.63
CA ASN A 164 2.09 -12.08 -10.01
C ASN A 164 2.23 -11.16 -8.81
N MET A 165 2.71 -9.94 -9.04
CA MET A 165 2.90 -8.96 -7.99
C MET A 165 1.63 -8.14 -7.81
N MET A 166 1.40 -7.69 -6.58
CA MET A 166 0.31 -6.80 -6.21
C MET A 166 0.94 -5.43 -6.09
N SER A 167 0.67 -4.54 -7.04
CA SER A 167 1.24 -3.19 -7.06
C SER A 167 0.21 -2.13 -6.70
N ASP A 168 0.58 -1.22 -5.77
CA ASP A 168 -0.28 -0.14 -5.30
C ASP A 168 -1.00 0.63 -6.42
N GLY A 169 -2.31 0.42 -6.50
CA GLY A 169 -3.19 1.07 -7.45
C GLY A 169 -3.49 0.32 -8.73
N GLU A 170 -2.90 -0.87 -8.93
CA GLU A 170 -3.15 -1.61 -10.17
C GLU A 170 -3.89 -2.94 -10.01
N PHE A 171 -4.60 -3.34 -11.08
CA PHE A 171 -5.34 -4.59 -11.18
C PHE A 171 -4.61 -5.55 -12.12
N LEU A 172 -5.02 -6.83 -12.13
CA LEU A 172 -4.44 -7.86 -12.99
C LEU A 172 -5.52 -8.32 -13.97
N ARG A 173 -5.15 -8.78 -15.19
CA ARG A 173 -6.13 -9.24 -16.17
C ARG A 173 -6.04 -10.73 -16.50
N SER A 175 -6.07 -14.44 -17.25
CA SER A 175 -6.87 -15.58 -16.81
C SER A 175 -5.83 -16.71 -16.71
N CYS A 176 -5.55 -17.21 -15.49
CA CYS A 176 -4.41 -18.12 -15.30
C CYS A 176 -4.69 -19.63 -15.10
N GLY A 177 -5.26 -20.00 -13.96
CA GLY A 177 -5.42 -21.40 -13.57
C GLY A 177 -6.27 -22.33 -14.41
N SER A 178 -6.51 -23.51 -13.84
CA SER A 178 -7.37 -24.54 -14.40
C SER A 178 -8.82 -24.03 -14.32
N PRO A 179 -9.64 -24.21 -15.37
CA PRO A 179 -11.04 -23.73 -15.32
C PRO A 179 -11.83 -24.11 -14.06
N ASN A 180 -11.63 -25.34 -13.55
CA ASN A 180 -12.31 -25.86 -12.34
C ASN A 180 -12.00 -25.07 -11.07
N TYR A 181 -10.78 -24.51 -10.97
CA TYR A 181 -10.33 -23.78 -9.79
C TYR A 181 -10.36 -22.28 -9.97
N ALA A 182 -10.45 -21.83 -11.24
CA ALA A 182 -10.49 -20.41 -11.58
C ALA A 182 -11.77 -19.75 -11.04
N ALA A 183 -11.63 -18.51 -10.57
CA ALA A 183 -12.71 -17.68 -10.02
C ALA A 183 -13.66 -17.23 -11.15
N PRO A 184 -14.95 -16.83 -10.88
CA PRO A 184 -15.84 -16.42 -11.98
C PRO A 184 -15.29 -15.24 -12.80
N GLU A 185 -14.71 -14.21 -12.11
CA GLU A 185 -14.09 -13.04 -12.76
C GLU A 185 -12.89 -13.42 -13.65
N VAL A 186 -12.19 -14.52 -13.30
CA VAL A 186 -11.04 -15.03 -14.05
C VAL A 186 -11.56 -15.68 -15.33
N ILE A 187 -12.57 -16.58 -15.21
CA ILE A 187 -13.17 -17.24 -16.37
C ILE A 187 -13.94 -16.20 -17.25
N SER A 188 -14.38 -15.07 -16.64
CA SER A 188 -15.07 -13.98 -17.32
C SER A 188 -14.07 -12.97 -17.93
N GLY A 189 -12.77 -13.21 -17.69
CA GLY A 189 -11.68 -12.38 -18.18
C GLY A 189 -11.71 -10.94 -17.73
N ARG A 190 -12.40 -10.67 -16.62
CA ARG A 190 -12.53 -9.34 -16.00
C ARG A 190 -11.29 -9.04 -15.16
N LEU A 191 -11.11 -7.74 -14.79
CA LEU A 191 -9.99 -7.29 -13.97
C LEU A 191 -10.17 -7.70 -12.50
N TYR A 192 -9.07 -7.99 -11.81
CA TYR A 192 -9.12 -8.38 -10.41
C TYR A 192 -7.95 -7.82 -9.59
N ALA A 193 -8.14 -7.73 -8.27
CA ALA A 193 -7.11 -7.23 -7.35
C ALA A 193 -6.00 -8.25 -7.15
N GLY A 194 -6.39 -9.53 -7.08
CA GLY A 194 -5.46 -10.64 -6.87
C GLY A 194 -5.86 -11.58 -5.76
N PRO A 195 -5.81 -11.17 -4.46
CA PRO A 195 -6.10 -12.12 -3.36
C PRO A 195 -7.41 -12.88 -3.44
N GLU A 196 -8.50 -12.22 -3.89
CA GLU A 196 -9.83 -12.83 -3.99
C GLU A 196 -9.85 -14.09 -4.86
N VAL A 197 -9.05 -14.08 -5.94
CA VAL A 197 -9.00 -15.20 -6.89
C VAL A 197 -8.25 -16.38 -6.27
N ASP A 198 -7.39 -16.12 -5.26
CA ASP A 198 -6.68 -17.15 -4.52
C ASP A 198 -7.57 -17.74 -3.46
N ILE A 199 -8.46 -16.92 -2.89
CA ILE A 199 -9.41 -17.34 -1.88
C ILE A 199 -10.41 -18.30 -2.53
N TRP A 200 -10.90 -17.95 -3.75
CA TRP A 200 -11.81 -18.81 -4.50
C TRP A 200 -11.17 -20.17 -4.70
N SER A 201 -9.92 -20.20 -5.23
CA SER A 201 -9.15 -21.41 -5.50
C SER A 201 -8.97 -22.26 -4.24
N SER A 202 -8.66 -21.60 -3.12
CA SER A 202 -8.50 -22.24 -1.81
C SER A 202 -9.83 -22.88 -1.35
N GLY A 203 -10.95 -22.23 -1.68
CA GLY A 203 -12.29 -22.72 -1.37
C GLY A 203 -12.58 -24.03 -2.08
N VAL A 204 -12.14 -24.12 -3.35
CA VAL A 204 -12.28 -25.31 -4.19
C VAL A 204 -11.38 -26.43 -3.62
N ILE A 205 -10.13 -26.06 -3.19
CA ILE A 205 -9.19 -26.98 -2.55
C ILE A 205 -9.83 -27.57 -1.27
N LEU A 206 -10.51 -26.74 -0.47
CA LEU A 206 -11.20 -27.16 0.74
C LEU A 206 -12.33 -28.14 0.41
N TYR A 207 -13.08 -27.86 -0.67
CA TYR A 207 -14.16 -28.75 -1.10
C TYR A 207 -13.56 -30.09 -1.51
N ALA A 208 -12.46 -30.06 -2.29
CA ALA A 208 -11.74 -31.24 -2.77
C ALA A 208 -11.26 -32.10 -1.59
N LEU A 209 -10.78 -31.46 -0.52
CA LEU A 209 -10.30 -32.14 0.67
C LEU A 209 -11.43 -32.89 1.39
N LEU A 210 -12.59 -32.22 1.59
CA LEU A 210 -13.74 -32.76 2.31
C LEU A 210 -14.59 -33.74 1.53
N CYS A 211 -14.67 -33.60 0.20
CA CYS A 211 -15.54 -34.42 -0.63
C CYS A 211 -14.83 -35.41 -1.52
N GLY A 212 -13.60 -35.10 -1.91
CA GLY A 212 -12.83 -35.96 -2.80
C GLY A 212 -13.18 -35.71 -4.26
N THR A 213 -14.10 -34.75 -4.53
CA THR A 213 -14.59 -34.35 -5.85
C THR A 213 -14.49 -32.82 -5.99
N LEU A 214 -14.83 -32.29 -7.17
CA LEU A 214 -14.81 -30.85 -7.45
C LEU A 214 -16.19 -30.22 -7.33
N PRO A 215 -16.31 -29.01 -6.77
CA PRO A 215 -17.64 -28.40 -6.61
C PRO A 215 -18.21 -27.98 -7.96
N PHE A 216 -17.32 -27.50 -8.84
CA PHE A 216 -17.66 -27.08 -10.20
C PHE A 216 -16.87 -27.98 -11.11
N ASP A 217 -17.60 -28.87 -11.81
CA ASP A 217 -17.05 -29.85 -12.74
C ASP A 217 -18.13 -30.39 -13.66
N ASP A 218 -17.82 -30.37 -14.97
CA ASP A 218 -18.66 -30.84 -16.06
C ASP A 218 -17.81 -31.07 -17.29
N ASP A 219 -18.12 -32.12 -18.07
CA ASP A 219 -17.45 -32.45 -19.32
C ASP A 219 -17.81 -31.40 -20.37
N HIS A 220 -19.06 -30.89 -20.32
CA HIS A 220 -19.55 -29.83 -21.17
C HIS A 220 -19.01 -28.53 -20.61
N VAL A 221 -17.97 -27.98 -21.24
CA VAL A 221 -17.26 -26.75 -20.83
C VAL A 221 -18.25 -25.56 -20.62
N PRO A 222 -19.18 -25.22 -21.57
CA PRO A 222 -20.12 -24.11 -21.31
C PRO A 222 -20.94 -24.24 -20.01
N THR A 223 -21.42 -25.47 -19.67
CA THR A 223 -22.19 -25.70 -18.44
C THR A 223 -21.29 -25.61 -17.23
N LEU A 224 -19.99 -25.95 -17.37
CA LEU A 224 -19.01 -25.84 -16.27
C LEU A 224 -18.86 -24.34 -15.94
N PHE A 225 -18.63 -23.51 -16.97
CA PHE A 225 -18.46 -22.06 -16.87
C PHE A 225 -19.72 -21.38 -16.30
N LYS A 226 -20.92 -21.88 -16.64
CA LYS A 226 -22.19 -21.38 -16.12
C LYS A 226 -22.26 -21.67 -14.63
N LYS A 227 -21.98 -22.94 -14.23
CA LYS A 227 -21.99 -23.42 -12.85
C LYS A 227 -21.10 -22.57 -11.94
N ILE A 228 -19.90 -22.19 -12.43
CA ILE A 228 -18.91 -21.35 -11.74
C ILE A 228 -19.47 -19.94 -11.53
N CYS A 229 -20.05 -19.35 -12.58
CA CYS A 229 -20.59 -18.00 -12.55
C CYS A 229 -21.92 -17.90 -11.83
N ASP A 230 -22.60 -19.04 -11.66
CA ASP A 230 -23.85 -19.14 -10.92
C ASP A 230 -23.55 -19.44 -9.43
N GLY A 231 -22.32 -19.89 -9.16
CA GLY A 231 -21.82 -20.21 -7.83
C GLY A 231 -22.50 -21.38 -7.15
N ILE A 232 -23.37 -22.09 -7.89
CA ILE A 232 -24.11 -23.24 -7.37
C ILE A 232 -23.29 -24.52 -7.47
N PHE A 233 -23.10 -25.18 -6.33
CA PHE A 233 -22.34 -26.43 -6.17
C PHE A 233 -23.08 -27.34 -5.18
N TYR A 234 -22.90 -28.65 -5.28
CA TYR A 234 -23.60 -29.59 -4.40
C TYR A 234 -22.90 -29.74 -3.05
N THR A 235 -23.69 -29.79 -1.95
CA THR A 235 -23.15 -30.01 -0.60
C THR A 235 -23.60 -31.38 -0.09
N PRO A 236 -22.70 -32.39 -0.10
CA PRO A 236 -23.09 -33.73 0.40
C PRO A 236 -23.52 -33.73 1.86
N GLN A 237 -24.35 -34.70 2.23
CA GLN A 237 -24.92 -34.82 3.58
C GLN A 237 -23.90 -34.93 4.70
N TYR A 238 -22.74 -35.54 4.43
CA TYR A 238 -21.68 -35.71 5.42
C TYR A 238 -21.01 -34.40 5.81
N LEU A 239 -21.12 -33.36 4.96
CA LEU A 239 -20.54 -32.05 5.22
C LEU A 239 -21.15 -31.37 6.43
N ASN A 240 -20.29 -30.89 7.33
CA ASN A 240 -20.69 -30.19 8.56
C ASN A 240 -21.20 -28.79 8.19
N PRO A 241 -22.43 -28.43 8.60
CA PRO A 241 -22.98 -27.11 8.27
C PRO A 241 -22.02 -25.93 8.48
N SER A 242 -21.15 -26.00 9.52
CA SER A 242 -20.17 -24.95 9.78
C SER A 242 -19.16 -24.81 8.63
N VAL A 243 -18.73 -25.93 8.02
CA VAL A 243 -17.81 -25.82 6.90
C VAL A 243 -18.60 -25.37 5.65
N ILE A 244 -19.87 -25.84 5.48
CA ILE A 244 -20.76 -25.41 4.37
C ILE A 244 -20.85 -23.89 4.41
N SER A 245 -20.95 -23.32 5.63
CA SER A 245 -20.97 -21.88 5.89
C SER A 245 -19.71 -21.21 5.32
N LEU A 246 -18.52 -21.79 5.62
CA LEU A 246 -17.22 -21.28 5.17
C LEU A 246 -17.09 -21.37 3.65
N LEU A 247 -17.51 -22.50 3.05
CA LEU A 247 -17.47 -22.73 1.60
C LEU A 247 -18.40 -21.75 0.89
N LYS A 248 -19.55 -21.44 1.50
CA LYS A 248 -20.51 -20.47 0.94
C LYS A 248 -19.86 -19.08 0.90
N HIS A 249 -19.16 -18.68 1.99
CA HIS A 249 -18.48 -17.40 2.11
C HIS A 249 -17.28 -17.26 1.17
N MET A 250 -16.56 -18.37 0.93
CA MET A 250 -15.39 -18.37 0.06
C MET A 250 -15.77 -18.49 -1.40
N LEU A 251 -16.86 -19.21 -1.71
CA LEU A 251 -17.27 -19.42 -3.10
C LEU A 251 -18.44 -18.51 -3.50
N GLN A 252 -18.22 -17.20 -3.30
CA GLN A 252 -19.11 -16.10 -3.65
C GLN A 252 -18.72 -15.60 -5.04
N VAL A 253 -19.69 -15.49 -5.97
CA VAL A 253 -19.40 -15.00 -7.33
C VAL A 253 -19.04 -13.51 -7.31
N ASP A 254 -19.59 -12.76 -6.32
CA ASP A 254 -19.30 -11.34 -6.13
C ASP A 254 -18.00 -11.25 -5.30
N PRO A 255 -16.89 -10.73 -5.89
CA PRO A 255 -15.63 -10.61 -5.13
C PRO A 255 -15.75 -9.72 -3.89
N MET A 256 -16.64 -8.72 -3.95
CA MET A 256 -16.87 -7.81 -2.83
C MET A 256 -17.61 -8.48 -1.66
N LYS A 257 -18.40 -9.54 -1.96
CA LYS A 257 -19.17 -10.30 -0.97
C LYS A 257 -18.42 -11.56 -0.49
N ARG A 258 -17.26 -11.84 -1.13
CA ARG A 258 -16.40 -13.00 -0.87
C ARG A 258 -15.50 -12.81 0.34
N ALA A 259 -15.25 -13.90 1.09
CA ALA A 259 -14.39 -13.93 2.27
C ALA A 259 -12.97 -13.44 2.02
N THR A 260 -12.34 -12.94 3.07
CA THR A 260 -10.96 -12.47 3.11
C THR A 260 -10.23 -13.41 4.07
N ILE A 261 -8.88 -13.48 4.03
CA ILE A 261 -8.14 -14.34 4.97
C ILE A 261 -8.61 -14.07 6.42
N LYS A 262 -8.80 -12.79 6.80
CA LYS A 262 -9.30 -12.40 8.12
C LYS A 262 -10.68 -13.02 8.44
N ASP A 263 -11.63 -12.97 7.48
CA ASP A 263 -12.98 -13.55 7.61
C ASP A 263 -12.88 -15.07 7.86
N ILE A 264 -11.91 -15.74 7.17
CA ILE A 264 -11.65 -17.18 7.29
C ILE A 264 -11.01 -17.46 8.65
N ARG A 265 -9.97 -16.69 9.03
CA ARG A 265 -9.24 -16.78 10.29
C ARG A 265 -10.20 -16.67 11.48
N GLU A 266 -11.27 -15.85 11.31
CA GLU A 266 -12.31 -15.60 12.29
C GLU A 266 -13.39 -16.67 12.28
N HIS A 267 -13.49 -17.47 11.19
CA HIS A 267 -14.51 -18.53 11.08
C HIS A 267 -14.24 -19.65 12.09
N GLU A 268 -15.29 -20.02 12.84
CA GLU A 268 -15.25 -21.03 13.89
C GLU A 268 -14.73 -22.40 13.47
N TRP A 269 -14.96 -22.81 12.20
CA TRP A 269 -14.49 -24.10 11.70
C TRP A 269 -12.97 -24.05 11.50
N PHE A 270 -12.46 -22.92 10.99
CA PHE A 270 -11.02 -22.71 10.75
C PHE A 270 -10.25 -22.59 12.06
N LYS A 271 -10.80 -21.85 13.04
CA LYS A 271 -10.20 -21.59 14.35
C LYS A 271 -9.90 -22.86 15.13
N GLN A 272 -10.75 -23.87 15.00
CA GLN A 272 -10.65 -25.14 15.72
C GLN A 272 -9.31 -25.83 15.50
N ASP A 273 -8.65 -26.20 16.61
CA ASP A 273 -7.36 -26.90 16.68
C ASP A 273 -6.23 -26.23 15.85
N LEU A 274 -6.44 -24.96 15.44
CA LEU A 274 -5.48 -24.18 14.64
C LEU A 274 -4.19 -23.96 15.41
N PRO A 275 -3.06 -24.51 14.91
CA PRO A 275 -1.79 -24.33 15.62
C PRO A 275 -1.31 -22.88 15.62
N LYS A 276 -0.63 -22.55 16.71
CA LYS A 276 -0.05 -21.25 17.00
C LYS A 276 0.92 -20.78 15.89
N TYR A 277 1.90 -21.65 15.54
CA TYR A 277 2.96 -21.39 14.57
C TYR A 277 2.51 -20.90 13.18
N LEU A 278 1.27 -21.23 12.77
CA LEU A 278 0.78 -20.91 11.44
C LEU A 278 0.60 -19.43 11.17
N PHE A 279 0.02 -18.68 12.12
CA PHE A 279 -0.20 -17.25 11.91
C PHE A 279 0.57 -16.38 12.96
N PRO A 280 1.02 -15.15 12.60
CA PRO A 280 1.90 -14.39 13.52
C PRO A 280 1.24 -13.46 14.56
N GLU A 281 -0.09 -13.53 14.73
CA GLU A 281 -0.77 -12.69 15.72
C GLU A 281 -0.75 -13.30 17.13
N LYS A 397 -20.36 11.42 -0.17
CA LYS A 397 -20.83 11.91 -1.47
C LYS A 397 -19.71 11.91 -2.55
N TRP A 398 -18.66 11.07 -2.36
CA TRP A 398 -17.50 10.95 -3.26
C TRP A 398 -17.76 10.14 -4.52
N HIS A 399 -17.03 10.44 -5.60
CA HIS A 399 -17.14 9.76 -6.91
C HIS A 399 -15.75 9.50 -7.47
N LEU A 400 -15.55 8.33 -8.08
CA LEU A 400 -14.27 8.02 -8.71
C LEU A 400 -14.27 8.67 -10.09
N GLY A 401 -13.24 9.45 -10.37
CA GLY A 401 -13.06 10.16 -11.64
C GLY A 401 -14.28 10.91 -12.15
N ILE A 402 -14.46 10.93 -13.48
CA ILE A 402 -15.58 11.59 -14.16
C ILE A 402 -16.24 10.63 -15.17
N ARG A 403 -17.58 10.55 -15.13
CA ARG A 403 -18.36 9.65 -16.00
C ARG A 403 -19.06 10.38 -17.17
N SER A 404 -18.71 10.00 -18.41
CA SER A 404 -19.29 10.59 -19.62
C SER A 404 -20.02 9.51 -20.45
N GLN A 405 -21.29 9.78 -20.81
CA GLN A 405 -22.14 8.85 -21.56
C GLN A 405 -21.88 8.82 -23.08
N SER A 406 -20.79 9.47 -23.55
CA SER A 406 -20.38 9.51 -24.96
C SER A 406 -19.79 8.17 -25.41
N ARG A 407 -19.52 8.01 -26.72
CA ARG A 407 -18.93 6.79 -27.27
C ARG A 407 -17.46 6.70 -26.83
N PRO A 408 -16.98 5.50 -26.42
CA PRO A 408 -15.59 5.39 -25.91
C PRO A 408 -14.50 6.12 -26.69
N ASN A 409 -14.52 6.07 -28.04
CA ASN A 409 -13.51 6.74 -28.86
C ASN A 409 -13.68 8.26 -28.90
N ASP A 410 -14.92 8.77 -28.70
CA ASP A 410 -15.22 10.22 -28.66
C ASP A 410 -14.56 10.81 -27.42
N ILE A 411 -14.63 10.07 -26.29
CA ILE A 411 -14.05 10.38 -24.99
C ILE A 411 -12.52 10.46 -25.12
N MET A 412 -11.93 9.51 -25.88
CA MET A 412 -10.49 9.44 -26.14
C MET A 412 -10.00 10.60 -27.01
N ALA A 413 -10.87 11.10 -27.91
CA ALA A 413 -10.58 12.25 -28.77
C ALA A 413 -10.69 13.53 -27.95
N GLU A 414 -11.70 13.58 -27.04
CA GLU A 414 -11.97 14.69 -26.13
C GLU A 414 -10.81 14.88 -25.13
N VAL A 415 -10.26 13.77 -24.59
CA VAL A 415 -9.16 13.83 -23.62
C VAL A 415 -7.86 14.25 -24.31
N CYS A 416 -7.47 13.60 -25.42
CA CYS A 416 -6.25 13.90 -26.18
C CYS A 416 -6.16 15.36 -26.63
N ARG A 417 -7.31 15.95 -27.06
CA ARG A 417 -7.36 17.35 -27.49
C ARG A 417 -7.23 18.32 -26.31
N ALA A 418 -7.58 17.85 -25.10
CA ALA A 418 -7.51 18.63 -23.87
C ALA A 418 -6.14 18.48 -23.20
N ILE A 419 -5.50 17.31 -23.32
CA ILE A 419 -4.17 17.02 -22.75
C ILE A 419 -3.12 17.90 -23.46
N LYS A 420 -3.19 17.94 -24.81
CA LYS A 420 -2.31 18.76 -25.65
C LYS A 420 -2.59 20.26 -25.47
N GLN A 421 -3.86 20.61 -25.12
CA GLN A 421 -4.31 21.99 -24.86
C GLN A 421 -3.63 22.54 -23.60
N LEU A 422 -3.26 21.63 -22.68
CA LEU A 422 -2.56 21.92 -21.42
C LEU A 422 -1.03 21.82 -21.61
N ASP A 423 -0.58 21.41 -22.83
CA ASP A 423 0.81 21.22 -23.24
C ASP A 423 1.51 20.09 -22.45
N TYR A 424 0.75 19.02 -22.15
CA TYR A 424 1.26 17.84 -21.44
C TYR A 424 1.75 16.78 -22.43
N GLU A 425 2.87 16.10 -22.12
CA GLU A 425 3.42 15.00 -22.95
C GLU A 425 2.65 13.73 -22.62
N TRP A 426 2.68 12.71 -23.53
CA TRP A 426 2.02 11.42 -23.28
C TRP A 426 2.48 10.28 -24.20
N LYS A 427 2.04 9.05 -23.89
CA LYS A 427 2.31 7.81 -24.63
C LYS A 427 1.04 6.95 -24.57
N VAL A 428 0.47 6.60 -25.73
CA VAL A 428 -0.77 5.81 -25.82
C VAL A 428 -0.44 4.31 -25.76
N VAL A 429 -0.79 3.67 -24.62
CA VAL A 429 -0.58 2.25 -24.37
C VAL A 429 -1.69 1.45 -25.06
N ASN A 430 -2.90 1.39 -24.46
CA ASN A 430 -4.06 0.71 -25.00
C ASN A 430 -4.92 1.79 -25.68
N PRO A 431 -6.02 1.47 -26.41
CA PRO A 431 -6.86 2.55 -26.96
C PRO A 431 -7.63 3.30 -25.88
N TYR A 432 -7.55 2.83 -24.60
CA TYR A 432 -8.22 3.41 -23.43
C TYR A 432 -7.27 3.63 -22.22
N TYR A 433 -5.94 3.54 -22.44
CA TYR A 433 -4.87 3.72 -21.44
C TYR A 433 -3.88 4.77 -21.98
N LEU A 434 -3.65 5.86 -21.21
CA LEU A 434 -2.75 6.95 -21.57
C LEU A 434 -1.79 7.28 -20.42
N ARG A 435 -0.46 7.32 -20.70
CA ARG A 435 0.56 7.66 -19.70
C ARG A 435 1.08 9.10 -19.95
N VAL A 436 0.44 10.07 -19.27
CA VAL A 436 0.65 11.52 -19.37
C VAL A 436 1.75 12.06 -18.43
N ARG A 437 2.57 13.02 -18.91
CA ARG A 437 3.65 13.71 -18.21
C ARG A 437 3.47 15.23 -18.32
N ARG A 438 3.95 15.98 -17.29
CA ARG A 438 3.89 17.44 -17.21
C ARG A 438 5.16 18.04 -16.63
N LYS A 439 5.65 19.13 -17.23
CA LYS A 439 6.82 19.89 -16.77
C LYS A 439 6.31 21.02 -15.86
N ASN A 440 6.74 21.02 -14.58
CA ASN A 440 6.36 22.03 -13.59
C ASN A 440 7.01 23.37 -13.93
N PRO A 441 6.22 24.45 -14.15
CA PRO A 441 6.83 25.76 -14.48
C PRO A 441 7.61 26.41 -13.34
N VAL A 442 7.45 25.90 -12.10
CA VAL A 442 8.11 26.43 -10.91
C VAL A 442 9.25 25.51 -10.44
N THR A 443 8.92 24.27 -9.97
CA THR A 443 9.89 23.30 -9.44
C THR A 443 10.79 22.65 -10.52
N SER A 444 10.46 22.84 -11.83
CA SER A 444 11.17 22.27 -12.98
C SER A 444 11.26 20.73 -12.92
N THR A 445 10.28 20.11 -12.23
CA THR A 445 10.15 18.67 -12.02
C THR A 445 9.07 18.06 -12.92
N PHE A 446 9.27 16.81 -13.33
CA PHE A 446 8.32 16.10 -14.18
C PHE A 446 7.32 15.35 -13.30
N SER A 447 6.02 15.60 -13.52
CA SER A 447 4.93 14.96 -12.76
C SER A 447 4.10 14.10 -13.72
N LYS A 448 4.03 12.79 -13.45
CA LYS A 448 3.32 11.87 -14.32
C LYS A 448 2.11 11.19 -13.68
N MET A 449 1.06 10.94 -14.51
CA MET A 449 -0.19 10.26 -14.15
C MET A 449 -0.68 9.33 -15.27
N SER A 450 -1.50 8.33 -14.92
CA SER A 450 -2.06 7.35 -15.86
C SER A 450 -3.58 7.49 -15.94
N LEU A 451 -4.09 7.58 -17.17
CA LEU A 451 -5.53 7.72 -17.44
C LEU A 451 -6.07 6.45 -18.06
N GLN A 452 -7.15 5.90 -17.47
CA GLN A 452 -7.78 4.68 -17.94
C GLN A 452 -9.30 4.81 -17.98
N LEU A 453 -9.92 4.45 -19.11
CA LEU A 453 -11.36 4.48 -19.27
C LEU A 453 -11.94 3.08 -19.01
N TYR A 454 -12.94 3.03 -18.12
CA TYR A 454 -13.65 1.82 -17.73
C TYR A 454 -15.13 1.95 -18.12
N GLN A 455 -15.81 0.81 -18.32
CA GLN A 455 -17.23 0.81 -18.64
C GLN A 455 -18.01 0.53 -17.37
N VAL A 456 -18.90 1.45 -16.98
CA VAL A 456 -19.72 1.28 -15.78
C VAL A 456 -21.05 0.60 -16.09
N ASP A 457 -21.98 1.31 -16.77
CA ASP A 457 -23.29 0.79 -17.16
C ASP A 457 -23.15 0.29 -18.59
N SER A 458 -24.28 -0.18 -19.16
CA SER A 458 -24.40 -0.58 -20.54
C SER A 458 -24.57 0.73 -21.35
N ARG A 459 -24.79 1.85 -20.61
CA ARG A 459 -24.99 3.20 -21.12
C ARG A 459 -23.85 4.20 -20.78
N THR A 460 -23.20 4.07 -19.59
CA THR A 460 -22.14 5.01 -19.20
C THR A 460 -20.72 4.40 -19.09
N TYR A 461 -19.69 5.28 -19.20
CA TYR A 461 -18.25 4.98 -19.14
C TYR A 461 -17.56 6.06 -18.28
N LEU A 462 -16.63 5.67 -17.36
CA LEU A 462 -15.93 6.66 -16.53
C LEU A 462 -14.41 6.65 -16.75
N LEU A 463 -13.79 7.84 -16.69
CA LEU A 463 -12.35 8.02 -16.84
C LEU A 463 -11.69 8.06 -15.46
N ASP A 464 -10.74 7.16 -15.24
CA ASP A 464 -10.01 7.01 -13.99
C ASP A 464 -8.62 7.65 -14.06
N PHE A 465 -8.25 8.38 -12.99
CA PHE A 465 -6.97 9.08 -12.85
C PHE A 465 -6.15 8.38 -11.77
N ARG A 466 -4.93 7.95 -12.13
CA ARG A 466 -4.02 7.25 -11.23
C ARG A 466 -2.64 7.90 -11.23
N SER A 467 -2.12 8.26 -10.04
CA SER A 467 -0.79 8.87 -9.94
C SER A 467 0.31 7.81 -9.98
N ILE A 468 1.31 8.01 -10.86
CA ILE A 468 2.45 7.08 -10.96
C ILE A 468 3.65 7.71 -10.24
N ASP A 469 4.20 6.97 -9.25
CA ASP A 469 5.32 7.35 -8.38
C ASP A 469 6.60 7.65 -9.16
N ASP A 470 7.29 8.76 -8.80
CA ASP A 470 8.53 9.22 -9.43
C ASP A 470 9.72 8.30 -9.18
N PRO A 483 11.71 20.28 -3.73
CA PRO A 483 10.51 20.41 -4.59
C PRO A 483 9.21 20.57 -3.79
N GLY A 484 8.10 20.76 -4.52
CA GLY A 484 6.77 20.88 -3.94
C GLY A 484 6.13 19.51 -3.70
N SER A 485 4.83 19.48 -3.37
CA SER A 485 4.11 18.24 -3.12
C SER A 485 3.73 17.48 -4.39
N HIS A 486 4.14 16.21 -4.48
CA HIS A 486 3.82 15.31 -5.61
C HIS A 486 2.30 15.12 -5.68
N THR A 487 1.66 14.81 -4.52
CA THR A 487 0.23 14.55 -4.37
C THR A 487 -0.62 15.75 -4.85
N ILE A 488 -0.28 16.98 -4.39
CA ILE A 488 -1.02 18.20 -4.76
C ILE A 488 -0.81 18.51 -6.25
N GLU A 489 0.41 18.27 -6.77
CA GLU A 489 0.72 18.46 -8.19
C GLU A 489 -0.15 17.57 -9.05
N PHE A 490 -0.46 16.35 -8.55
CA PHE A 490 -1.32 15.38 -9.21
C PHE A 490 -2.78 15.88 -9.25
N PHE A 491 -3.27 16.46 -8.13
CA PHE A 491 -4.64 16.99 -8.07
C PHE A 491 -4.85 18.10 -9.08
N GLU A 492 -3.91 19.07 -9.15
CA GLU A 492 -3.97 20.19 -10.08
C GLU A 492 -4.00 19.71 -11.54
N MET A 493 -3.19 18.67 -11.87
CA MET A 493 -3.13 18.05 -13.19
C MET A 493 -4.51 17.51 -13.59
N CYS A 494 -5.18 16.78 -12.67
CA CYS A 494 -6.50 16.20 -12.84
C CYS A 494 -7.55 17.31 -13.00
N ALA A 495 -7.61 18.25 -12.04
CA ALA A 495 -8.54 19.38 -11.96
C ALA A 495 -8.63 20.13 -13.29
N ASN A 496 -7.48 20.42 -13.92
CA ASN A 496 -7.41 21.13 -15.19
C ASN A 496 -8.19 20.40 -16.29
N LEU A 497 -7.95 19.07 -16.44
CA LEU A 497 -8.63 18.22 -17.43
C LEU A 497 -10.13 18.06 -17.15
N ILE A 498 -10.52 18.01 -15.85
CA ILE A 498 -11.91 17.84 -15.39
C ILE A 498 -12.76 19.07 -15.79
N LYS A 499 -12.20 20.28 -15.66
CA LYS A 499 -12.84 21.56 -15.99
C LYS A 499 -13.33 21.62 -17.43
N ILE A 500 -12.56 21.00 -18.36
CA ILE A 500 -12.89 20.95 -19.78
C ILE A 500 -13.56 19.62 -20.16
N LEU A 501 -14.31 18.98 -19.22
CA LEU A 501 -14.94 17.69 -19.50
C LEU A 501 -16.33 17.45 -18.85
N ALA A 502 -17.01 16.36 -19.30
CA ALA A 502 -18.37 15.93 -18.95
C ALA A 502 -18.51 15.02 -17.71
N GLN A 503 -19.33 15.48 -16.75
CA GLN A 503 -19.72 14.85 -15.47
C GLN A 503 -18.57 14.18 -14.71
N ALA B 11 35.53 -24.12 -14.46
CA ALA B 11 35.17 -23.16 -13.42
C ALA B 11 33.65 -22.88 -13.40
N ARG B 12 33.08 -22.50 -14.57
CA ARG B 12 31.65 -22.23 -14.73
C ARG B 12 30.97 -23.44 -15.41
N PRO B 13 29.83 -23.94 -14.88
CA PRO B 13 29.18 -25.11 -15.50
C PRO B 13 28.54 -24.78 -16.84
N THR B 14 28.75 -25.64 -17.86
CA THR B 14 28.23 -25.44 -19.20
C THR B 14 27.46 -26.68 -19.64
N VAL B 15 26.24 -26.48 -20.19
CA VAL B 15 25.39 -27.59 -20.64
C VAL B 15 25.64 -27.89 -22.12
N PHE B 16 25.87 -29.18 -22.45
CA PHE B 16 26.11 -29.64 -23.81
C PHE B 16 24.99 -30.63 -24.20
N ARG B 17 24.00 -30.15 -24.96
CA ARG B 17 22.84 -30.95 -25.34
C ARG B 17 22.72 -31.24 -26.83
N TRP B 18 22.69 -32.53 -27.18
CA TRP B 18 22.50 -32.98 -28.55
C TRP B 18 21.02 -33.35 -28.71
N THR B 19 20.28 -32.63 -29.59
CA THR B 19 18.87 -32.92 -29.78
C THR B 19 18.65 -33.72 -31.05
N GLY B 20 18.66 -35.03 -30.88
CA GLY B 20 18.43 -36.00 -31.94
C GLY B 20 18.37 -37.39 -31.36
N GLY B 21 18.23 -38.38 -32.21
CA GLY B 21 18.23 -39.77 -31.78
C GLY B 21 19.63 -40.33 -31.78
N GLY B 22 19.80 -41.53 -31.25
CA GLY B 22 21.11 -42.17 -31.22
C GLY B 22 21.30 -43.30 -30.22
N LYS B 23 22.07 -44.31 -30.64
CA LYS B 23 22.45 -45.45 -29.80
C LYS B 23 23.58 -44.99 -28.89
N GLU B 24 24.56 -44.24 -29.44
CA GLU B 24 25.65 -43.67 -28.65
C GLU B 24 26.13 -42.34 -29.23
N VAL B 25 26.21 -41.33 -28.36
CA VAL B 25 26.62 -39.96 -28.69
C VAL B 25 27.74 -39.57 -27.73
N TYR B 26 28.83 -39.00 -28.28
CA TYR B 26 29.98 -38.53 -27.51
C TYR B 26 30.32 -37.08 -27.83
N LEU B 27 30.93 -36.38 -26.85
CA LEU B 27 31.34 -34.99 -27.00
C LEU B 27 32.87 -34.87 -26.94
N SER B 28 33.49 -34.46 -28.07
CA SER B 28 34.93 -34.21 -28.18
C SER B 28 35.11 -32.71 -28.17
N GLY B 29 36.12 -32.22 -27.46
CA GLY B 29 36.36 -30.78 -27.38
C GLY B 29 37.78 -30.41 -27.03
N SER B 30 38.14 -29.14 -27.23
CA SER B 30 39.47 -28.60 -26.90
C SER B 30 39.70 -28.73 -25.39
N PHE B 31 38.61 -28.57 -24.61
CA PHE B 31 38.51 -28.63 -23.15
C PHE B 31 38.77 -30.02 -22.54
N ASN B 32 38.86 -31.08 -23.36
CA ASN B 32 39.14 -32.42 -22.86
C ASN B 32 40.08 -33.20 -23.80
N ASN B 33 41.01 -32.47 -24.45
CA ASN B 33 42.00 -32.98 -25.41
C ASN B 33 41.35 -33.90 -26.46
N TRP B 34 40.15 -33.52 -26.89
CA TRP B 34 39.33 -34.17 -27.90
C TRP B 34 39.04 -35.64 -27.57
N SER B 35 38.96 -35.96 -26.25
CA SER B 35 38.62 -37.31 -25.79
C SER B 35 37.09 -37.47 -25.90
N LYS B 36 36.63 -38.66 -26.32
CA LYS B 36 35.19 -38.94 -26.48
C LYS B 36 34.47 -39.10 -25.14
N LEU B 37 33.71 -38.08 -24.72
CA LEU B 37 32.96 -38.11 -23.48
C LEU B 37 31.52 -38.57 -23.79
N PRO B 38 30.97 -39.61 -23.11
CA PRO B 38 29.61 -40.04 -23.43
C PRO B 38 28.55 -39.12 -22.87
N LEU B 39 27.46 -38.93 -23.62
CA LEU B 39 26.34 -38.09 -23.21
C LEU B 39 25.16 -38.96 -22.83
N THR B 40 24.57 -38.70 -21.65
CA THR B 40 23.42 -39.42 -21.11
C THR B 40 22.17 -39.00 -21.88
N ARG B 41 21.26 -39.94 -22.17
CA ARG B 41 20.03 -39.58 -22.88
C ARG B 41 18.79 -39.60 -22.00
N GLN B 43 15.48 -38.49 -23.64
CA GLN B 43 14.52 -38.94 -24.63
C GLN B 43 15.05 -38.78 -26.04
N ASN B 44 15.06 -37.54 -26.55
CA ASN B 44 15.56 -37.18 -27.87
C ASN B 44 16.68 -36.14 -27.66
N ASN B 45 17.13 -36.04 -26.40
CA ASN B 45 18.19 -35.14 -25.95
C ASN B 45 19.27 -35.95 -25.22
N PHE B 46 20.54 -35.68 -25.57
CA PHE B 46 21.74 -36.27 -24.99
C PHE B 46 22.47 -35.13 -24.32
N VAL B 47 22.74 -35.25 -23.01
CA VAL B 47 23.37 -34.15 -22.31
C VAL B 47 24.60 -34.52 -21.48
N ALA B 48 25.38 -33.48 -21.15
CA ALA B 48 26.53 -33.47 -20.27
C ALA B 48 26.73 -32.05 -19.80
N ILE B 49 26.82 -31.88 -18.47
CA ILE B 49 27.08 -30.59 -17.85
C ILE B 49 28.52 -30.71 -17.36
N LEU B 50 29.38 -29.74 -17.71
CA LEU B 50 30.79 -29.76 -17.30
C LEU B 50 31.35 -28.36 -17.04
N ASP B 51 32.30 -28.26 -16.09
CA ASP B 51 32.93 -26.99 -15.74
C ASP B 51 33.92 -26.57 -16.81
N LEU B 52 33.79 -25.33 -17.27
CA LEU B 52 34.65 -24.80 -18.33
C LEU B 52 35.36 -23.52 -17.93
N PRO B 53 36.66 -23.38 -18.28
CA PRO B 53 37.34 -22.12 -17.98
C PRO B 53 36.91 -21.02 -18.95
N GLU B 54 36.30 -19.94 -18.43
CA GLU B 54 35.82 -18.78 -19.21
C GLU B 54 36.83 -18.35 -20.29
N GLY B 55 36.51 -18.72 -21.53
CA GLY B 55 37.34 -18.44 -22.70
C GLY B 55 36.77 -19.06 -23.96
N GLU B 56 37.66 -19.34 -24.94
CA GLU B 56 37.24 -19.94 -26.21
C GLU B 56 37.47 -21.43 -26.20
N HIS B 57 36.45 -22.20 -26.61
CA HIS B 57 36.52 -23.66 -26.69
C HIS B 57 35.84 -24.16 -27.95
N GLN B 58 36.49 -25.10 -28.63
CA GLN B 58 35.96 -25.73 -29.83
C GLN B 58 35.56 -27.14 -29.49
N TYR B 59 34.46 -27.62 -30.10
CA TYR B 59 33.93 -28.96 -29.85
C TYR B 59 33.19 -29.55 -31.04
N LYS B 60 33.03 -30.88 -31.03
CA LYS B 60 32.38 -31.66 -32.07
C LYS B 60 31.64 -32.81 -31.39
N PHE B 61 30.74 -33.46 -32.11
CA PHE B 61 29.95 -34.58 -31.60
C PHE B 61 30.21 -35.86 -32.39
N PHE B 62 30.24 -37.01 -31.68
CA PHE B 62 30.40 -38.29 -32.33
C PHE B 62 29.11 -39.07 -32.19
N VAL B 63 28.12 -38.70 -33.02
CA VAL B 63 26.78 -39.29 -33.01
C VAL B 63 26.80 -40.54 -33.88
N ASP B 64 26.57 -41.71 -33.26
CA ASP B 64 26.51 -43.05 -33.89
C ASP B 64 27.44 -43.27 -35.09
N GLY B 65 28.75 -43.26 -34.82
CA GLY B 65 29.79 -43.50 -35.82
C GLY B 65 30.10 -42.36 -36.77
N GLN B 66 29.38 -41.23 -36.64
CA GLN B 66 29.58 -40.05 -37.47
C GLN B 66 29.94 -38.82 -36.65
N TRP B 67 30.86 -38.01 -37.19
CA TRP B 67 31.30 -36.76 -36.59
C TRP B 67 30.42 -35.63 -37.12
N THR B 68 29.93 -34.75 -36.23
CA THR B 68 29.05 -33.62 -36.58
C THR B 68 29.17 -32.49 -35.58
N HIS B 69 28.62 -31.33 -35.96
CA HIS B 69 28.48 -30.16 -35.11
C HIS B 69 26.98 -29.95 -35.01
N ASP B 70 26.52 -29.17 -34.04
CA ASP B 70 25.12 -28.79 -33.88
C ASP B 70 24.93 -27.60 -34.85
N PRO B 71 24.19 -27.76 -35.97
CA PRO B 71 24.06 -26.65 -36.93
C PRO B 71 23.44 -25.37 -36.38
N SER B 72 22.59 -25.49 -35.34
CA SER B 72 21.95 -24.35 -34.67
C SER B 72 22.92 -23.56 -33.78
N GLU B 73 24.06 -24.18 -33.40
CA GLU B 73 25.12 -23.57 -32.58
C GLU B 73 26.18 -22.90 -33.44
N PRO B 74 26.91 -21.89 -32.92
CA PRO B 74 27.95 -21.23 -33.75
C PRO B 74 29.10 -22.16 -34.12
N ILE B 75 29.54 -22.07 -35.38
CA ILE B 75 30.63 -22.88 -35.92
C ILE B 75 31.89 -22.06 -36.21
N VAL B 76 32.94 -22.76 -36.64
CA VAL B 76 34.23 -22.20 -37.04
C VAL B 76 34.87 -23.13 -38.06
N THR B 77 34.98 -22.64 -39.30
CA THR B 77 35.61 -23.38 -40.39
C THR B 77 37.11 -23.06 -40.33
N SER B 78 37.94 -24.10 -40.39
CA SER B 78 39.39 -23.96 -40.28
C SER B 78 40.09 -23.89 -41.62
N GLN B 79 41.36 -23.46 -41.58
CA GLN B 79 42.29 -23.34 -42.72
C GLN B 79 42.40 -24.69 -43.44
N LEU B 80 42.28 -25.80 -42.66
CA LEU B 80 42.35 -27.19 -43.11
C LEU B 80 40.97 -27.76 -43.46
N GLY B 81 39.94 -26.93 -43.36
CA GLY B 81 38.57 -27.30 -43.70
C GLY B 81 37.75 -27.95 -42.61
N THR B 82 38.28 -27.99 -41.37
CA THR B 82 37.61 -28.58 -40.19
C THR B 82 36.48 -27.69 -39.69
N VAL B 83 35.28 -28.26 -39.53
CA VAL B 83 34.11 -27.51 -39.04
C VAL B 83 33.72 -28.01 -37.65
N ASN B 84 34.05 -27.19 -36.61
CA ASN B 84 33.73 -27.47 -35.21
C ASN B 84 32.84 -26.38 -34.65
N ASN B 85 32.04 -26.72 -33.63
CA ASN B 85 31.21 -25.73 -32.94
C ASN B 85 32.13 -24.92 -32.04
N ILE B 86 31.76 -23.67 -31.77
CA ILE B 86 32.55 -22.78 -30.93
C ILE B 86 31.70 -22.29 -29.75
N ILE B 87 32.34 -22.06 -28.61
CA ILE B 87 31.66 -21.57 -27.42
C ILE B 87 32.50 -20.49 -26.75
N GLN B 88 31.86 -19.33 -26.48
CA GLN B 88 32.50 -18.21 -25.79
C GLN B 88 31.85 -18.12 -24.41
N VAL B 89 32.56 -18.63 -23.40
CA VAL B 89 32.07 -18.66 -22.03
C VAL B 89 32.25 -17.28 -21.39
N LYS B 90 31.11 -16.60 -21.13
CA LYS B 90 31.02 -15.25 -20.55
C LYS B 90 30.82 -15.26 -19.04
N LYS B 91 31.27 -14.19 -18.37
CA LYS B 91 31.11 -14.01 -16.92
C LYS B 91 29.62 -13.82 -16.61
N THR B 92 28.91 -13.12 -17.53
CA THR B 92 27.46 -12.83 -17.44
C THR B 92 26.60 -14.10 -17.56
N ASP B 93 27.13 -15.18 -18.17
CA ASP B 93 26.45 -16.47 -18.32
C ASP B 93 26.33 -17.22 -16.99
N PHE B 94 27.28 -16.99 -16.05
CA PHE B 94 27.36 -17.65 -14.74
C PHE B 94 26.50 -17.02 -13.62
N GLU B 95 26.18 -15.72 -13.70
CA GLU B 95 25.36 -15.03 -12.68
C GLU B 95 23.94 -14.76 -13.16
N VAL B 96 22.96 -15.38 -12.47
CA VAL B 96 21.50 -15.37 -12.68
C VAL B 96 20.91 -14.09 -13.26
N PHE B 97 21.00 -12.98 -12.51
CA PHE B 97 20.40 -11.71 -12.87
C PHE B 97 21.17 -10.99 -13.97
N ASP B 98 22.48 -11.28 -14.12
CA ASP B 98 23.31 -10.72 -15.20
C ASP B 98 22.87 -11.39 -16.50
N ALA B 99 22.62 -12.72 -16.43
CA ALA B 99 22.17 -13.58 -17.51
C ALA B 99 20.74 -13.21 -17.93
N LEU B 100 19.88 -12.87 -16.97
CA LEU B 100 18.50 -12.47 -17.25
C LEU B 100 18.39 -11.05 -17.79
N MET B 101 19.38 -10.18 -17.46
CA MET B 101 19.42 -8.81 -17.97
C MET B 101 19.87 -8.83 -19.45
N VAL B 102 20.87 -9.69 -19.79
CA VAL B 102 21.38 -9.83 -21.15
C VAL B 102 20.37 -10.58 -22.05
N ASP B 103 19.50 -11.42 -21.44
CA ASP B 103 18.46 -12.20 -22.13
C ASP B 103 17.36 -11.34 -22.75
N SER B 104 16.96 -10.25 -22.04
CA SER B 104 15.93 -9.32 -22.49
C SER B 104 16.36 -8.43 -23.70
N GLN B 105 17.30 -8.93 -24.53
CA GLN B 105 17.87 -8.29 -25.75
C GLN B 105 18.67 -9.29 -26.60
N LYS B 135 -11.30 -3.51 -30.16
CA LYS B 135 -11.27 -3.53 -28.70
C LYS B 135 -12.32 -2.59 -28.08
N ALA B 136 -12.79 -2.96 -26.88
CA ALA B 136 -13.76 -2.22 -26.09
C ALA B 136 -13.13 -1.88 -24.71
N PRO B 137 -13.61 -0.85 -23.97
CA PRO B 137 -12.99 -0.54 -22.66
C PRO B 137 -13.23 -1.62 -21.58
N PRO B 138 -12.30 -1.81 -20.60
CA PRO B 138 -12.53 -2.82 -19.55
C PRO B 138 -13.71 -2.45 -18.64
N ILE B 139 -14.37 -3.46 -18.05
CA ILE B 139 -15.50 -3.22 -17.14
C ILE B 139 -14.92 -2.74 -15.81
N LEU B 140 -15.52 -1.70 -15.20
CA LEU B 140 -15.04 -1.11 -13.95
C LEU B 140 -15.00 -2.09 -12.78
N PRO B 141 -13.78 -2.36 -12.23
CA PRO B 141 -13.68 -3.29 -11.09
C PRO B 141 -14.43 -2.74 -9.87
N PRO B 142 -15.26 -3.56 -9.18
CA PRO B 142 -16.06 -3.04 -8.05
C PRO B 142 -15.26 -2.48 -6.87
N HIS B 143 -13.97 -2.83 -6.81
CA HIS B 143 -12.98 -2.46 -5.80
C HIS B 143 -12.83 -0.95 -5.70
N LEU B 144 -12.81 -0.26 -6.86
CA LEU B 144 -12.66 1.19 -6.95
C LEU B 144 -13.87 1.98 -6.45
N LEU B 145 -15.03 1.32 -6.30
CA LEU B 145 -16.22 1.97 -5.79
C LEU B 145 -16.24 1.94 -4.24
N GLN B 146 -15.33 1.14 -3.64
CA GLN B 146 -15.20 1.00 -2.19
C GLN B 146 -14.26 2.07 -1.61
N VAL B 147 -14.82 3.27 -1.31
CA VAL B 147 -14.09 4.41 -0.74
C VAL B 147 -13.92 4.26 0.80
N ILE B 148 -12.87 4.89 1.37
CA ILE B 148 -12.62 4.87 2.81
C ILE B 148 -13.15 6.16 3.48
N LEU B 149 -13.44 7.21 2.67
CA LEU B 149 -13.94 8.49 3.15
C LEU B 149 -15.39 8.44 3.67
N ASN B 150 -16.27 7.68 2.99
CA ASN B 150 -17.68 7.52 3.37
C ASN B 150 -17.87 6.46 4.48
N LYS B 151 -17.22 5.28 4.31
CA LYS B 151 -17.28 4.16 5.26
C LYS B 151 -16.48 4.45 6.55
N SER B 156 -18.19 10.20 18.87
CA SER B 156 -17.91 8.83 18.44
C SER B 156 -16.42 8.59 18.28
N CYS B 157 -15.99 8.16 17.07
CA CYS B 157 -14.59 7.90 16.72
C CYS B 157 -13.86 9.19 16.30
N ASP B 158 -12.60 9.05 15.81
CA ASP B 158 -11.80 10.20 15.38
C ASP B 158 -12.02 10.56 13.91
N PRO B 159 -12.25 11.85 13.57
CA PRO B 159 -12.45 12.23 12.16
C PRO B 159 -11.15 12.25 11.36
N ALA B 160 -10.01 12.36 12.05
CA ALA B 160 -8.67 12.36 11.46
C ALA B 160 -8.31 10.97 10.98
N LEU B 161 -8.86 9.94 11.64
CA LEU B 161 -8.60 8.54 11.33
C LEU B 161 -9.58 7.95 10.33
N LEU B 162 -9.06 7.07 9.46
CA LEU B 162 -9.80 6.39 8.39
C LEU B 162 -9.48 4.88 8.35
N PRO B 163 -10.31 4.02 7.68
CA PRO B 163 -9.95 2.59 7.62
C PRO B 163 -8.75 2.34 6.70
N GLU B 164 -8.06 1.21 6.89
CA GLU B 164 -6.92 0.83 6.07
C GLU B 164 -7.38 0.49 4.64
N PRO B 165 -6.84 1.15 3.58
CA PRO B 165 -7.35 0.89 2.22
C PRO B 165 -6.71 -0.31 1.51
N ASN B 166 -7.43 -0.85 0.50
CA ASN B 166 -6.91 -1.95 -0.31
C ASN B 166 -5.93 -1.32 -1.29
N HIS B 167 -4.71 -1.88 -1.39
CA HIS B 167 -3.63 -1.41 -2.26
C HIS B 167 -4.14 -0.93 -3.63
N VAL B 168 -5.13 -1.64 -4.18
CA VAL B 168 -5.76 -1.45 -5.47
C VAL B 168 -6.41 -0.07 -5.67
N MET B 169 -6.89 0.58 -4.59
CA MET B 169 -7.53 1.89 -4.70
C MET B 169 -6.58 3.05 -4.32
N LEU B 170 -5.30 2.74 -4.03
CA LEU B 170 -4.28 3.75 -3.74
C LEU B 170 -3.90 4.47 -5.03
N ASN B 171 -3.58 5.76 -4.94
CA ASN B 171 -3.17 6.63 -6.06
C ASN B 171 -4.31 6.98 -7.04
N HIS B 172 -5.54 6.48 -6.80
CA HIS B 172 -6.71 6.79 -7.62
C HIS B 172 -7.40 8.08 -7.18
N LEU B 173 -7.75 8.96 -8.14
CA LEU B 173 -8.42 10.23 -7.84
C LEU B 173 -9.94 10.08 -7.69
N TYR B 174 -10.44 10.58 -6.56
CA TYR B 174 -11.85 10.65 -6.19
C TYR B 174 -12.20 12.14 -6.06
N ALA B 175 -13.46 12.51 -6.32
CA ALA B 175 -13.87 13.90 -6.29
C ALA B 175 -15.31 14.11 -5.84
N LEU B 176 -15.57 15.29 -5.26
CA LEU B 176 -16.90 15.70 -4.84
C LEU B 176 -17.47 16.58 -5.93
N SER B 177 -18.80 16.62 -6.04
CA SER B 177 -19.51 17.44 -7.01
C SER B 177 -19.19 18.92 -6.76
N ILE B 178 -18.82 19.66 -7.83
CA ILE B 178 -18.46 21.08 -7.75
C ILE B 178 -19.65 21.92 -7.27
N LYS B 179 -19.73 22.14 -5.95
CA LYS B 179 -20.78 22.92 -5.31
C LYS B 179 -20.23 24.29 -4.92
N ASP B 180 -20.85 25.37 -5.44
CA ASP B 180 -20.47 26.78 -5.18
C ASP B 180 -19.11 27.12 -5.83
N GLY B 181 -18.90 26.61 -7.05
CA GLY B 181 -17.71 26.87 -7.84
C GLY B 181 -16.37 26.51 -7.22
N VAL B 182 -16.37 25.49 -6.34
CA VAL B 182 -15.16 24.98 -5.69
C VAL B 182 -15.11 23.46 -5.83
N MET B 183 -13.99 22.96 -6.37
CA MET B 183 -13.73 21.55 -6.62
C MET B 183 -13.01 20.94 -5.43
N VAL B 184 -13.46 19.76 -4.99
CA VAL B 184 -12.84 19.04 -3.88
C VAL B 184 -12.30 17.73 -4.45
N LEU B 185 -10.97 17.57 -4.47
CA LEU B 185 -10.33 16.37 -5.00
C LEU B 185 -9.63 15.63 -3.88
N SER B 186 -9.71 14.29 -3.91
CA SER B 186 -9.11 13.44 -2.89
C SER B 186 -8.46 12.20 -3.46
N ALA B 187 -7.40 11.71 -2.79
CA ALA B 187 -6.68 10.49 -3.13
C ALA B 187 -5.93 9.93 -1.93
N THR B 188 -5.83 8.60 -1.86
CA THR B 188 -5.12 7.90 -0.78
C THR B 188 -3.77 7.42 -1.32
N HIS B 189 -2.69 7.73 -0.61
CA HIS B 189 -1.33 7.33 -0.97
C HIS B 189 -0.65 6.77 0.26
N ARG B 190 0.36 5.90 0.07
CA ARG B 190 1.07 5.35 1.22
C ARG B 190 2.53 5.82 1.30
N TYR B 191 2.94 6.24 2.50
CA TYR B 191 4.30 6.62 2.84
C TYR B 191 4.77 5.55 3.80
N LYS B 192 5.68 4.68 3.30
CA LYS B 192 6.25 3.55 4.02
C LYS B 192 5.13 2.56 4.42
N LYS B 193 4.94 2.31 5.74
CA LYS B 193 3.91 1.37 6.20
C LYS B 193 2.60 2.07 6.63
N LYS B 194 2.52 3.41 6.46
CA LYS B 194 1.35 4.20 6.82
C LYS B 194 0.70 4.79 5.55
N TYR B 195 -0.60 5.16 5.63
CA TYR B 195 -1.40 5.71 4.51
C TYR B 195 -1.95 7.09 4.86
N VAL B 196 -2.02 7.98 3.85
CA VAL B 196 -2.52 9.36 4.00
C VAL B 196 -3.54 9.70 2.87
N THR B 197 -4.78 10.05 3.27
CA THR B 197 -5.82 10.45 2.31
C THR B 197 -5.86 11.97 2.30
N THR B 198 -5.24 12.57 1.28
CA THR B 198 -5.17 14.03 1.14
C THR B 198 -6.34 14.54 0.31
N LEU B 199 -7.05 15.54 0.84
CA LEU B 199 -8.13 16.15 0.08
C LEU B 199 -7.90 17.65 -0.05
N LEU B 200 -7.78 18.10 -1.31
CA LEU B 200 -7.51 19.49 -1.67
C LEU B 200 -8.77 20.26 -2.03
N TYR B 201 -8.98 21.39 -1.34
CA TYR B 201 -10.08 22.30 -1.60
C TYR B 201 -9.51 23.35 -2.54
N LYS B 202 -9.88 23.25 -3.83
CA LYS B 202 -9.39 24.11 -4.88
C LYS B 202 -10.56 24.80 -5.62
N PRO B 203 -10.57 26.15 -5.71
CA PRO B 203 -11.63 26.80 -6.48
C PRO B 203 -11.39 26.68 -7.99
N ILE B 204 -12.41 26.99 -8.80
CA ILE B 204 -12.38 26.97 -10.27
C ILE B 204 -13.03 28.25 -10.82
N SER C 26 16.59 14.58 32.24
CA SER C 26 17.41 14.02 31.18
C SER C 26 17.02 12.58 30.81
N VAL C 27 16.11 11.95 31.59
CA VAL C 27 15.64 10.57 31.38
C VAL C 27 14.68 10.47 30.17
N TYR C 28 13.63 11.31 30.16
CA TYR C 28 12.64 11.38 29.09
C TYR C 28 13.18 12.16 27.88
N THR C 29 14.05 13.15 28.15
CA THR C 29 14.70 14.03 27.17
C THR C 29 15.47 13.23 26.09
N THR C 30 16.21 12.19 26.51
CA THR C 30 16.99 11.32 25.62
C THR C 30 16.05 10.46 24.77
N PHE C 31 14.92 10.00 25.36
CA PHE C 31 13.88 9.17 24.72
C PHE C 31 13.29 9.86 23.49
N MET C 32 13.07 11.18 23.56
CA MET C 32 12.52 11.99 22.47
C MET C 32 13.54 12.15 21.33
N LYS C 33 14.84 12.31 21.67
CA LYS C 33 15.94 12.46 20.70
C LYS C 33 16.21 11.21 19.86
N SER C 34 15.62 10.06 20.26
CA SER C 34 15.78 8.78 19.56
C SER C 34 14.66 8.47 18.57
N HIS C 35 13.39 8.47 19.04
CA HIS C 35 12.20 8.15 18.25
C HIS C 35 11.91 9.15 17.13
N ARG C 36 11.74 8.63 15.90
CA ARG C 36 11.45 9.43 14.71
C ARG C 36 9.98 9.89 14.73
N CYS C 37 9.69 11.03 14.04
CA CYS C 37 8.35 11.61 13.94
C CYS C 37 7.36 10.63 13.32
N TYR C 38 7.84 9.82 12.34
CA TYR C 38 7.11 8.78 11.62
C TYR C 38 6.41 7.80 12.57
N ASP C 39 7.04 7.48 13.71
CA ASP C 39 6.50 6.56 14.72
C ASP C 39 5.15 7.01 15.26
N LEU C 40 4.89 8.35 15.27
CA LEU C 40 3.65 8.92 15.78
C LEU C 40 2.56 9.11 14.71
N ILE C 41 2.91 8.98 13.41
CA ILE C 41 1.92 9.08 12.32
C ILE C 41 0.98 7.85 12.42
N PRO C 42 -0.37 8.00 12.41
CA PRO C 42 -1.23 6.81 12.50
C PRO C 42 -1.25 6.02 11.20
N THR C 43 -1.67 4.74 11.27
CA THR C 43 -1.73 3.82 10.13
C THR C 43 -2.56 4.41 8.97
N SER C 44 -3.74 4.98 9.24
CA SER C 44 -4.54 5.61 8.17
C SER C 44 -5.13 6.95 8.62
N SER C 45 -4.56 8.04 8.06
CA SER C 45 -4.90 9.42 8.38
C SER C 45 -5.63 10.15 7.23
N LYS C 46 -6.28 11.28 7.57
CA LYS C 46 -6.97 12.21 6.67
C LYS C 46 -6.27 13.57 6.76
N LEU C 47 -5.97 14.19 5.60
CA LEU C 47 -5.32 15.49 5.54
C LEU C 47 -6.09 16.44 4.65
N VAL C 48 -6.46 17.61 5.20
CA VAL C 48 -7.21 18.63 4.46
C VAL C 48 -6.25 19.75 4.09
N VAL C 49 -6.17 20.06 2.79
CA VAL C 49 -5.29 21.10 2.23
C VAL C 49 -6.13 22.12 1.47
N PHE C 50 -5.88 23.41 1.73
CA PHE C 50 -6.61 24.48 1.06
C PHE C 50 -5.71 25.24 0.10
N ASP C 51 -6.23 25.56 -1.10
CA ASP C 51 -5.51 26.39 -2.05
C ASP C 51 -5.74 27.83 -1.57
N THR C 52 -4.66 28.64 -1.47
CA THR C 52 -4.73 30.03 -0.99
C THR C 52 -5.81 30.87 -1.69
N SER C 53 -6.14 30.54 -2.95
CA SER C 53 -7.16 31.20 -3.76
C SER C 53 -8.61 30.89 -3.30
N LEU C 54 -8.78 29.99 -2.31
CA LEU C 54 -10.09 29.61 -1.77
C LEU C 54 -10.62 30.73 -0.87
N GLN C 55 -11.94 31.00 -0.94
CA GLN C 55 -12.62 31.98 -0.09
C GLN C 55 -12.47 31.51 1.37
N VAL C 56 -12.03 32.41 2.26
CA VAL C 56 -11.71 32.13 3.65
C VAL C 56 -12.91 31.59 4.47
N LYS C 57 -14.16 32.01 4.17
CA LYS C 57 -15.34 31.51 4.90
C LYS C 57 -15.53 30.02 4.60
N LYS C 58 -15.40 29.64 3.30
CA LYS C 58 -15.49 28.26 2.80
C LYS C 58 -14.42 27.40 3.46
N ALA C 59 -13.23 28.00 3.70
CA ALA C 59 -12.09 27.36 4.34
C ALA C 59 -12.37 27.00 5.81
N PHE C 60 -12.98 27.92 6.59
CA PHE C 60 -13.29 27.62 7.99
C PHE C 60 -14.40 26.59 8.10
N PHE C 61 -15.43 26.71 7.24
CA PHE C 61 -16.56 25.79 7.19
C PHE C 61 -16.08 24.39 6.81
N ALA C 62 -15.01 24.29 5.98
CA ALA C 62 -14.41 23.03 5.56
C ALA C 62 -13.71 22.36 6.74
N LEU C 63 -13.02 23.15 7.61
CA LEU C 63 -12.35 22.62 8.81
C LEU C 63 -13.40 21.94 9.68
N VAL C 64 -14.54 22.60 9.85
CA VAL C 64 -15.71 22.16 10.62
C VAL C 64 -16.30 20.87 10.04
N THR C 65 -16.65 20.89 8.73
CA THR C 65 -17.26 19.74 8.07
C THR C 65 -16.35 18.52 8.05
N ASN C 66 -15.04 18.72 7.84
CA ASN C 66 -14.06 17.62 7.81
C ASN C 66 -13.59 17.16 9.19
N GLY C 67 -13.96 17.92 10.22
CA GLY C 67 -13.60 17.62 11.61
C GLY C 67 -12.10 17.73 11.87
N VAL C 68 -11.45 18.67 11.20
CA VAL C 68 -10.02 18.92 11.32
C VAL C 68 -9.77 20.32 11.94
N ARG C 69 -8.81 20.45 12.86
CA ARG C 69 -8.55 21.73 13.55
C ARG C 69 -7.54 22.64 12.81
N ALA C 70 -6.74 22.07 11.89
CA ALA C 70 -5.76 22.84 11.13
C ALA C 70 -5.61 22.25 9.73
N ALA C 71 -5.31 23.10 8.73
CA ALA C 71 -5.17 22.65 7.35
C ALA C 71 -4.08 23.41 6.59
N PRO C 72 -3.04 22.71 6.07
CA PRO C 72 -1.98 23.42 5.33
C PRO C 72 -2.49 24.13 4.08
N LEU C 73 -1.78 25.19 3.68
CA LEU C 73 -2.16 26.00 2.54
C LEU C 73 -1.19 25.86 1.38
N TRP C 74 -1.73 25.65 0.18
CA TRP C 74 -0.96 25.47 -1.05
C TRP C 74 -1.12 26.68 -1.96
N ASP C 75 -0.01 27.36 -2.27
CA ASP C 75 -0.01 28.50 -3.19
C ASP C 75 0.25 27.91 -4.58
N SER C 76 -0.74 28.01 -5.48
CA SER C 76 -0.65 27.45 -6.83
C SER C 76 0.46 28.10 -7.66
N LYS C 77 0.59 29.43 -7.57
CA LYS C 77 1.61 30.19 -8.29
C LYS C 77 3.01 29.91 -7.73
N LYS C 78 3.12 29.77 -6.39
CA LYS C 78 4.40 29.50 -5.72
C LYS C 78 4.78 28.02 -5.71
N GLN C 79 3.81 27.12 -6.00
CA GLN C 79 3.94 25.65 -6.05
C GLN C 79 4.61 25.06 -4.79
N SER C 80 4.22 25.57 -3.60
CA SER C 80 4.75 25.13 -2.30
C SER C 80 3.80 25.47 -1.15
N PHE C 81 3.97 24.79 -0.01
CA PHE C 81 3.16 25.04 1.18
C PHE C 81 3.68 26.32 1.84
N VAL C 82 2.84 27.36 1.88
CA VAL C 82 3.19 28.69 2.42
C VAL C 82 2.92 28.82 3.92
N GLY C 83 1.85 28.20 4.39
CA GLY C 83 1.46 28.26 5.79
C GLY C 83 0.36 27.31 6.19
N MET C 84 -0.32 27.64 7.29
CA MET C 84 -1.40 26.83 7.83
C MET C 84 -2.56 27.67 8.31
N LEU C 85 -3.79 27.18 8.06
CA LEU C 85 -5.00 27.83 8.50
C LEU C 85 -5.51 27.12 9.76
N THR C 86 -5.68 27.87 10.84
CA THR C 86 -6.12 27.38 12.14
C THR C 86 -7.33 28.19 12.65
N ILE C 87 -7.78 27.91 13.89
CA ILE C 87 -8.91 28.60 14.54
C ILE C 87 -8.48 30.00 14.96
N THR C 88 -7.16 30.22 15.19
CA THR C 88 -6.59 31.53 15.54
C THR C 88 -6.87 32.51 14.42
N ASP C 89 -6.81 32.03 13.16
CA ASP C 89 -7.08 32.81 11.97
C ASP C 89 -8.54 33.31 11.98
N PHE C 90 -9.47 32.45 12.43
CA PHE C 90 -10.89 32.79 12.54
C PHE C 90 -11.09 33.82 13.65
N ILE C 91 -10.40 33.63 14.80
CA ILE C 91 -10.43 34.53 15.97
C ILE C 91 -9.91 35.91 15.55
N ASN C 92 -8.82 35.93 14.76
CA ASN C 92 -8.20 37.14 14.24
C ASN C 92 -9.09 37.90 13.26
N ILE C 93 -9.73 37.20 12.27
CA ILE C 93 -10.65 37.84 11.30
C ILE C 93 -11.83 38.45 12.06
N LEU C 94 -12.52 37.61 12.85
CA LEU C 94 -13.67 37.98 13.65
C LEU C 94 -13.47 39.24 14.46
N HIS C 95 -12.46 39.25 15.35
CA HIS C 95 -12.15 40.42 16.18
C HIS C 95 -11.72 41.65 15.38
N ARG C 96 -10.83 41.47 14.41
CA ARG C 96 -10.33 42.55 13.56
C ARG C 96 -11.44 43.23 12.77
N TYR C 97 -12.35 42.46 12.17
CA TYR C 97 -13.35 42.99 11.26
C TYR C 97 -14.83 43.09 11.75
N TYR C 98 -15.16 42.61 12.97
CA TYR C 98 -16.52 42.69 13.50
C TYR C 98 -16.94 44.14 13.74
N LYS C 99 -18.19 44.47 13.37
CA LYS C 99 -18.75 45.82 13.57
C LYS C 99 -19.93 45.72 14.53
N SER C 100 -20.91 44.84 14.24
CA SER C 100 -22.10 44.56 15.07
C SER C 100 -22.87 43.39 14.50
N ALA C 101 -23.90 42.94 15.24
CA ALA C 101 -24.79 41.86 14.81
C ALA C 101 -25.73 42.36 13.71
N LEU C 102 -25.87 43.69 13.55
CA LEU C 102 -26.72 44.33 12.54
C LEU C 102 -26.07 44.35 11.16
N VAL C 103 -24.72 44.28 11.07
CA VAL C 103 -23.98 44.29 9.80
C VAL C 103 -23.23 42.98 9.56
N GLN C 104 -23.04 42.62 8.29
CA GLN C 104 -22.32 41.41 7.90
C GLN C 104 -20.81 41.66 8.07
N ILE C 105 -20.04 40.58 8.34
CA ILE C 105 -18.57 40.67 8.43
C ILE C 105 -18.11 40.53 6.97
N TYR C 106 -18.48 41.54 6.16
CA TYR C 106 -18.29 41.65 4.71
C TYR C 106 -17.01 41.02 4.21
N GLU C 107 -15.86 41.32 4.85
CA GLU C 107 -14.58 40.73 4.45
C GLU C 107 -14.56 39.22 4.63
N LEU C 108 -14.85 38.70 5.83
CA LEU C 108 -14.92 37.25 6.09
C LEU C 108 -15.76 36.54 5.01
N GLU C 109 -16.90 37.17 4.64
CA GLU C 109 -17.83 36.69 3.63
C GLU C 109 -17.21 36.65 2.23
N GLU C 110 -16.42 37.68 1.86
CA GLU C 110 -15.78 37.77 0.55
C GLU C 110 -14.29 38.19 0.64
N HIS C 111 -13.44 37.22 1.02
CA HIS C 111 -11.99 37.38 1.18
C HIS C 111 -11.38 36.04 0.95
N LYS C 112 -10.31 35.98 0.15
CA LYS C 112 -9.58 34.73 -0.10
C LYS C 112 -8.56 34.55 1.03
N ILE C 113 -7.98 33.34 1.16
CA ILE C 113 -7.00 33.05 2.21
C ILE C 113 -5.74 33.91 2.02
N GLU C 114 -5.28 34.08 0.77
CA GLU C 114 -4.12 34.90 0.45
C GLU C 114 -4.38 36.38 0.71
N THR C 115 -5.59 36.89 0.33
CA THR C 115 -5.99 38.30 0.54
C THR C 115 -5.94 38.62 2.03
N TRP C 116 -6.40 37.69 2.88
CA TRP C 116 -6.36 37.89 4.31
C TRP C 116 -4.95 37.70 4.90
N ARG C 117 -4.19 36.69 4.42
CA ARG C 117 -2.82 36.44 4.90
C ARG C 117 -1.86 37.58 4.57
N GLU C 118 -2.21 38.41 3.56
CA GLU C 118 -1.45 39.59 3.14
C GLU C 118 -1.66 40.70 4.17
N VAL C 119 -2.90 40.83 4.70
CA VAL C 119 -3.30 41.83 5.70
C VAL C 119 -2.77 41.43 7.09
N TYR C 120 -3.05 40.18 7.50
CA TYR C 120 -2.66 39.56 8.77
C TYR C 120 -1.15 39.60 8.97
N LEU C 121 -0.39 39.15 7.95
CA LEU C 121 1.06 39.15 7.96
C LEU C 121 1.54 40.20 6.94
N GLN C 122 1.38 41.50 7.31
CA GLN C 122 1.74 42.64 6.48
C GLN C 122 3.26 42.81 6.37
N ASP C 123 3.87 43.68 7.20
CA ASP C 123 5.31 43.90 7.25
C ASP C 123 5.94 42.74 8.03
N SER C 124 5.23 42.28 9.09
CA SER C 124 5.61 41.16 9.94
C SER C 124 5.27 39.85 9.20
N PHE C 125 6.22 39.35 8.38
CA PHE C 125 6.09 38.13 7.59
C PHE C 125 6.65 36.91 8.33
N LYS C 126 6.01 35.73 8.15
CA LYS C 126 6.43 34.48 8.78
C LYS C 126 6.45 33.29 7.78
N PRO C 127 7.57 32.53 7.68
CA PRO C 127 7.58 31.38 6.75
C PRO C 127 6.98 30.10 7.36
N LEU C 128 6.95 29.00 6.58
CA LEU C 128 6.41 27.72 7.03
C LEU C 128 7.39 26.93 7.91
N VAL C 129 6.91 26.52 9.09
CA VAL C 129 7.65 25.71 10.07
C VAL C 129 7.18 24.27 9.86
N CYS C 130 8.11 23.35 9.54
CA CYS C 130 7.77 21.94 9.32
C CYS C 130 8.87 20.99 9.77
N ILE C 131 8.51 19.71 9.96
CA ILE C 131 9.41 18.65 10.40
C ILE C 131 9.40 17.45 9.42
N SER C 132 10.53 16.76 9.31
CA SER C 132 10.66 15.57 8.46
C SER C 132 10.17 14.35 9.28
N PRO C 133 9.59 13.30 8.65
CA PRO C 133 9.16 12.13 9.45
C PRO C 133 10.34 11.40 10.10
N ASN C 134 11.52 11.44 9.44
CA ASN C 134 12.77 10.82 9.89
C ASN C 134 13.40 11.55 11.06
N ALA C 135 13.11 12.86 11.22
CA ALA C 135 13.60 13.70 12.32
C ALA C 135 13.04 13.22 13.66
N SER C 136 13.81 13.40 14.75
CA SER C 136 13.44 12.95 16.09
C SER C 136 12.26 13.72 16.71
N LEU C 137 11.66 13.13 17.77
CA LEU C 137 10.55 13.72 18.52
C LEU C 137 11.02 14.98 19.25
N PHE C 138 12.28 14.97 19.77
CA PHE C 138 12.91 16.10 20.45
C PHE C 138 13.07 17.29 19.51
N ASP C 139 13.40 17.02 18.21
CA ASP C 139 13.54 18.05 17.17
C ASP C 139 12.20 18.77 16.94
N ALA C 140 11.08 18.01 17.01
CA ALA C 140 9.71 18.51 16.83
C ALA C 140 9.21 19.27 18.06
N VAL C 141 9.46 18.75 19.28
CA VAL C 141 9.06 19.38 20.56
C VAL C 141 9.75 20.74 20.71
N SER C 142 11.06 20.79 20.42
CA SER C 142 11.85 22.02 20.46
C SER C 142 11.35 23.03 19.44
N SER C 143 10.99 22.55 18.22
CA SER C 143 10.45 23.38 17.13
C SER C 143 9.08 23.99 17.46
N LEU C 144 8.28 23.34 18.33
CA LEU C 144 6.98 23.83 18.77
C LEU C 144 7.14 25.05 19.69
N ILE C 145 8.05 24.96 20.68
CA ILE C 145 8.34 26.02 21.65
C ILE C 145 9.16 27.16 20.98
N ARG C 146 10.17 26.79 20.16
CA ARG C 146 11.06 27.71 19.43
C ARG C 146 10.29 28.70 18.55
N ASN C 147 9.25 28.22 17.85
CA ASN C 147 8.44 29.05 16.95
C ASN C 147 7.10 29.48 17.58
N LYS C 148 6.82 29.03 18.82
CA LYS C 148 5.60 29.29 19.61
C LYS C 148 4.36 28.85 18.80
N ILE C 149 4.25 27.52 18.59
CA ILE C 149 3.18 26.90 17.81
C ILE C 149 2.62 25.61 18.46
N HIS C 150 1.35 25.25 18.13
CA HIS C 150 0.65 24.07 18.64
C HIS C 150 0.48 22.97 17.57
N ARG C 151 0.36 23.37 16.27
CA ARG C 151 0.17 22.46 15.14
C ARG C 151 1.43 22.45 14.26
N LEU C 152 2.05 21.28 14.08
CA LEU C 152 3.27 21.14 13.28
C LEU C 152 3.11 20.15 12.09
N PRO C 153 3.26 20.62 10.83
CA PRO C 153 3.11 19.67 9.70
C PRO C 153 4.35 18.82 9.50
N VAL C 154 4.13 17.52 9.28
CA VAL C 154 5.15 16.51 9.04
C VAL C 154 5.23 16.33 7.52
N ILE C 155 6.31 16.83 6.91
CA ILE C 155 6.50 16.77 5.46
C ILE C 155 7.73 15.92 5.08
N ASP C 156 7.52 14.93 4.19
CA ASP C 156 8.59 14.08 3.68
C ASP C 156 9.37 14.87 2.62
N PRO C 157 10.70 15.04 2.79
CA PRO C 157 11.46 15.84 1.81
C PRO C 157 11.56 15.26 0.41
N GLU C 158 11.63 13.91 0.28
CA GLU C 158 11.74 13.21 -1.00
C GLU C 158 10.52 13.41 -1.91
N SER C 159 9.31 13.42 -1.30
CA SER C 159 8.04 13.59 -2.00
C SER C 159 7.54 15.03 -2.01
N GLY C 160 7.75 15.74 -0.90
CA GLY C 160 7.28 17.10 -0.69
C GLY C 160 5.86 17.12 -0.15
N ASN C 161 5.28 15.92 0.06
CA ASN C 161 3.91 15.69 0.53
C ASN C 161 3.78 15.83 2.03
N THR C 162 2.71 16.52 2.48
CA THR C 162 2.42 16.64 3.91
C THR C 162 1.69 15.35 4.28
N LEU C 163 2.13 14.70 5.37
CA LEU C 163 1.58 13.42 5.81
C LEU C 163 0.69 13.53 7.02
N TYR C 164 1.16 14.19 8.08
CA TYR C 164 0.42 14.32 9.32
C TYR C 164 0.69 15.67 9.99
N ILE C 165 -0.20 16.08 10.90
CA ILE C 165 -0.05 17.31 11.65
C ILE C 165 0.12 16.98 13.15
N LEU C 166 1.37 17.09 13.61
CA LEU C 166 1.80 16.80 14.98
C LEU C 166 1.28 17.82 15.99
N THR C 167 0.56 17.32 17.00
CA THR C 167 -0.03 18.10 18.08
C THR C 167 0.58 17.72 19.45
N HIS C 168 0.56 18.65 20.42
CA HIS C 168 1.06 18.44 21.78
C HIS C 168 0.34 17.25 22.44
N LYS C 169 -0.99 17.14 22.24
CA LYS C 169 -1.86 16.08 22.78
C LYS C 169 -1.39 14.68 22.39
N ARG C 170 -0.88 14.53 21.14
CA ARG C 170 -0.38 13.26 20.58
C ARG C 170 1.01 12.90 21.13
N ILE C 171 1.96 13.87 21.15
CA ILE C 171 3.33 13.68 21.65
C ILE C 171 3.29 13.30 23.13
N LEU C 172 2.49 14.02 23.94
CA LEU C 172 2.32 13.75 25.36
C LEU C 172 1.54 12.45 25.61
N LYS C 173 0.85 11.90 24.58
CA LYS C 173 0.11 10.65 24.70
C LYS C 173 1.08 9.48 24.64
N PHE C 174 2.01 9.48 23.66
CA PHE C 174 3.04 8.45 23.48
C PHE C 174 4.02 8.45 24.67
N LEU C 175 4.45 9.64 25.13
CA LEU C 175 5.35 9.80 26.27
C LEU C 175 4.71 9.36 27.58
N LYS C 176 3.36 9.38 27.68
CA LYS C 176 2.63 8.93 28.87
C LYS C 176 2.65 7.40 28.96
N LEU C 177 2.67 6.72 27.80
CA LEU C 177 2.73 5.26 27.70
C LEU C 177 4.08 4.72 28.18
N PHE C 178 5.17 5.48 27.91
CA PHE C 178 6.55 5.15 28.29
C PHE C 178 6.84 5.57 29.74
N ILE C 179 6.11 6.58 30.25
CA ILE C 179 6.23 7.09 31.62
C ILE C 179 5.67 6.08 32.61
N THR C 180 4.52 5.46 32.25
CA THR C 180 3.83 4.44 33.04
C THR C 180 4.62 3.12 33.10
N GLU C 181 5.15 2.67 31.94
CA GLU C 181 5.94 1.44 31.81
C GLU C 181 7.34 1.54 32.46
N PHE C 182 7.97 2.72 32.39
CA PHE C 182 9.30 2.97 32.97
C PHE C 182 9.23 4.05 34.05
N SER C 191 5.70 17.48 43.20
CA SER C 191 4.58 18.42 43.39
C SER C 191 4.58 19.56 42.36
N LEU C 192 3.41 20.22 42.20
CA LEU C 192 3.22 21.34 41.27
C LEU C 192 3.90 22.61 41.76
N GLU C 193 3.79 22.92 43.07
CA GLU C 193 4.40 24.08 43.71
C GLU C 193 5.92 23.90 43.85
N GLU C 194 6.36 22.65 44.12
CA GLU C 194 7.77 22.28 44.29
C GLU C 194 8.58 22.43 42.99
N LEU C 195 8.04 21.95 41.86
CA LEU C 195 8.69 22.02 40.55
C LEU C 195 8.47 23.37 39.87
N GLN C 196 7.26 23.96 40.04
CA GLN C 196 6.83 25.25 39.47
C GLN C 196 6.90 25.25 37.93
N ILE C 197 5.92 24.57 37.28
CA ILE C 197 5.83 24.43 35.83
C ILE C 197 4.64 25.19 35.21
N GLY C 198 4.95 26.16 34.37
CA GLY C 198 3.96 26.98 33.66
C GLY C 198 3.90 28.43 34.09
N THR C 199 2.90 29.17 33.59
CA THR C 199 2.67 30.59 33.90
C THR C 199 1.64 30.73 35.01
N TYR C 200 2.01 31.49 36.07
CA TYR C 200 1.19 31.70 37.27
C TYR C 200 0.91 33.20 37.53
N ALA C 201 1.61 34.09 36.82
CA ALA C 201 1.47 35.55 36.93
C ALA C 201 0.92 36.17 35.63
N ASN C 202 0.16 37.30 35.76
CA ASN C 202 -0.47 38.06 34.67
C ASN C 202 -1.31 37.14 33.74
N ILE C 203 -2.20 36.36 34.38
CA ILE C 203 -3.10 35.40 33.73
C ILE C 203 -4.27 36.11 33.06
N ALA C 204 -4.52 35.80 31.77
CA ALA C 204 -5.61 36.35 30.98
C ALA C 204 -6.88 35.54 31.19
N MET C 205 -7.89 36.15 31.84
CA MET C 205 -9.18 35.53 32.18
C MET C 205 -10.37 36.42 31.81
N VAL C 206 -11.57 35.81 31.72
CA VAL C 206 -12.83 36.49 31.40
C VAL C 206 -13.88 36.25 32.49
N ARG C 207 -14.90 37.11 32.56
CA ARG C 207 -16.02 36.98 33.49
C ARG C 207 -17.16 36.22 32.78
N THR C 208 -18.19 35.81 33.56
CA THR C 208 -19.36 35.08 33.07
C THR C 208 -20.12 35.91 32.01
N THR C 209 -20.25 37.22 32.26
CA THR C 209 -20.96 38.20 31.43
C THR C 209 -20.15 38.74 30.24
N THR C 210 -18.80 38.53 30.24
CA THR C 210 -17.88 39.01 29.19
C THR C 210 -18.38 38.66 27.78
N PRO C 211 -18.48 39.63 26.85
CA PRO C 211 -18.94 39.29 25.50
C PRO C 211 -17.86 38.54 24.72
N VAL C 212 -18.31 37.70 23.74
CA VAL C 212 -17.43 36.89 22.89
C VAL C 212 -16.39 37.79 22.20
N TYR C 213 -16.82 38.93 21.62
CA TYR C 213 -15.94 39.89 20.94
C TYR C 213 -14.76 40.31 21.82
N VAL C 214 -15.05 40.61 23.11
CA VAL C 214 -14.06 41.01 24.10
C VAL C 214 -13.07 39.86 24.34
N ALA C 215 -13.61 38.64 24.55
CA ALA C 215 -12.81 37.43 24.75
C ALA C 215 -11.88 37.20 23.55
N LEU C 216 -12.40 37.36 22.32
CA LEU C 216 -11.62 37.21 21.10
C LEU C 216 -10.46 38.20 21.07
N GLY C 217 -10.69 39.42 21.57
CA GLY C 217 -9.69 40.47 21.67
C GLY C 217 -8.56 40.09 22.60
N ILE C 218 -8.91 39.44 23.74
CA ILE C 218 -7.97 38.95 24.75
C ILE C 218 -7.12 37.83 24.13
N PHE C 219 -7.75 36.91 23.37
CA PHE C 219 -7.07 35.82 22.66
C PHE C 219 -6.02 36.38 21.69
N VAL C 220 -6.28 37.59 21.15
CA VAL C 220 -5.40 38.25 20.21
C VAL C 220 -4.20 38.91 20.92
N GLN C 221 -4.46 39.85 21.85
CA GLN C 221 -3.44 40.61 22.58
C GLN C 221 -2.55 39.75 23.52
N HIS C 222 -3.11 38.72 24.16
CA HIS C 222 -2.35 37.88 25.08
C HIS C 222 -1.70 36.67 24.44
N ARG C 223 -2.25 36.19 23.30
CA ARG C 223 -1.76 35.02 22.54
C ARG C 223 -1.76 33.75 23.40
N VAL C 224 -2.95 33.37 23.90
CA VAL C 224 -3.19 32.21 24.77
C VAL C 224 -4.30 31.31 24.20
N SER C 225 -4.23 29.99 24.46
CA SER C 225 -5.20 29.01 23.95
C SER C 225 -6.57 29.06 24.64
N ALA C 226 -6.62 29.34 25.95
CA ALA C 226 -7.91 29.37 26.65
C ALA C 226 -8.01 30.44 27.73
N LEU C 227 -9.24 30.93 27.95
CA LEU C 227 -9.53 31.95 28.94
C LEU C 227 -10.46 31.35 30.00
N PRO C 228 -10.03 31.30 31.28
CA PRO C 228 -10.91 30.74 32.32
C PRO C 228 -12.02 31.73 32.70
N VAL C 229 -13.25 31.22 32.77
CA VAL C 229 -14.45 31.99 33.10
C VAL C 229 -14.55 32.10 34.63
N VAL C 230 -14.44 33.33 35.16
CA VAL C 230 -14.52 33.58 36.61
C VAL C 230 -15.91 34.13 37.02
N ASP C 231 -16.34 33.85 38.27
CA ASP C 231 -17.63 34.26 38.82
C ASP C 231 -17.60 35.71 39.36
N GLU C 232 -18.57 36.07 40.24
CA GLU C 232 -18.66 37.37 40.91
C GLU C 232 -17.38 37.60 41.73
N LYS C 233 -16.93 36.52 42.43
CA LYS C 233 -15.68 36.43 43.18
C LYS C 233 -14.67 35.71 42.25
N GLY C 234 -13.38 35.77 42.60
CA GLY C 234 -12.29 35.16 41.84
C GLY C 234 -12.40 33.70 41.45
N ARG C 235 -13.40 32.97 42.01
CA ARG C 235 -13.66 31.55 41.77
C ARG C 235 -13.96 31.24 40.29
N VAL C 236 -13.36 30.15 39.76
CA VAL C 236 -13.52 29.71 38.36
C VAL C 236 -14.77 28.82 38.17
N VAL C 237 -15.66 29.20 37.24
CA VAL C 237 -16.89 28.46 36.94
C VAL C 237 -16.77 27.61 35.67
N ASP C 238 -16.20 28.18 34.59
CA ASP C 238 -16.05 27.52 33.30
C ASP C 238 -14.73 27.92 32.60
N ILE C 239 -14.57 27.54 31.32
CA ILE C 239 -13.40 27.86 30.49
C ILE C 239 -13.78 27.95 29.01
N TYR C 240 -13.55 29.12 28.41
CA TYR C 240 -13.78 29.40 27.00
C TYR C 240 -12.43 29.27 26.30
N SER C 241 -12.32 28.29 25.38
CA SER C 241 -11.08 28.02 24.67
C SER C 241 -11.19 28.35 23.19
N LYS C 242 -10.02 28.52 22.51
CA LYS C 242 -9.91 28.78 21.08
C LYS C 242 -10.77 27.80 20.30
N PHE C 243 -10.88 26.55 20.80
CA PHE C 243 -11.69 25.50 20.21
C PHE C 243 -13.18 25.88 20.20
N ASP C 244 -13.71 26.34 21.33
CA ASP C 244 -15.13 26.72 21.43
C ASP C 244 -15.56 27.80 20.41
N VAL C 245 -14.57 28.46 19.75
CA VAL C 245 -14.81 29.48 18.73
C VAL C 245 -15.29 28.84 17.40
N ILE C 246 -14.91 27.56 17.10
CA ILE C 246 -15.39 26.92 15.87
C ILE C 246 -16.88 26.67 15.90
N ASN C 247 -17.50 26.61 17.11
CA ASN C 247 -18.94 26.43 17.24
C ASN C 247 -19.69 27.57 16.54
N LEU C 248 -19.08 28.78 16.49
CA LEU C 248 -19.64 29.97 15.82
C LEU C 248 -19.66 29.72 14.31
N ALA C 249 -18.60 29.06 13.77
CA ALA C 249 -18.51 28.71 12.35
C ALA C 249 -19.48 27.57 12.04
N ALA C 250 -19.50 26.53 12.90
CA ALA C 250 -20.35 25.35 12.79
C ALA C 250 -21.83 25.72 12.80
N GLU C 251 -22.32 26.32 13.90
CA GLU C 251 -23.72 26.73 14.07
C GLU C 251 -24.08 27.97 13.24
N LYS C 252 -23.10 28.57 12.52
CA LYS C 252 -23.25 29.77 11.68
C LYS C 252 -23.81 30.94 12.53
N THR C 253 -23.25 31.11 13.74
CA THR C 253 -23.63 32.10 14.75
C THR C 253 -22.56 33.17 15.00
N TYR C 254 -21.54 33.25 14.10
CA TYR C 254 -20.41 34.18 14.19
C TYR C 254 -20.79 35.66 14.03
N ASN C 255 -21.93 35.96 13.38
CA ASN C 255 -22.35 37.35 13.15
C ASN C 255 -22.78 38.08 14.44
N ASN C 256 -23.04 37.34 15.54
CA ASN C 256 -23.39 37.93 16.82
C ASN C 256 -22.33 37.59 17.87
N LEU C 257 -21.39 38.52 18.08
CA LEU C 257 -20.30 38.38 19.04
C LEU C 257 -20.58 39.18 20.31
N ASP C 258 -21.77 39.82 20.35
CA ASP C 258 -22.27 40.60 21.49
C ASP C 258 -22.62 39.70 22.69
N VAL C 259 -22.99 38.42 22.41
CA VAL C 259 -23.35 37.39 23.40
C VAL C 259 -22.25 37.14 24.41
N SER C 260 -22.63 36.80 25.63
CA SER C 260 -21.68 36.51 26.70
C SER C 260 -20.99 35.20 26.44
N VAL C 261 -19.80 35.02 27.05
CA VAL C 261 -18.96 33.83 26.97
C VAL C 261 -19.77 32.59 27.41
N THR C 262 -20.53 32.71 28.52
CA THR C 262 -21.41 31.64 29.04
C THR C 262 -22.49 31.24 28.03
N LYS C 263 -23.13 32.24 27.37
CA LYS C 263 -24.17 32.03 26.34
C LYS C 263 -23.60 31.23 25.17
N ALA C 264 -22.34 31.50 24.80
CA ALA C 264 -21.64 30.81 23.73
C ALA C 264 -21.29 29.37 24.12
N LEU C 265 -21.00 29.14 25.43
CA LEU C 265 -20.65 27.83 25.95
C LEU C 265 -21.88 26.97 26.29
N GLN C 266 -23.11 27.48 26.01
CA GLN C 266 -24.37 26.78 26.23
C GLN C 266 -24.58 25.64 25.20
N HIS C 267 -23.74 25.58 24.14
CA HIS C 267 -23.77 24.56 23.09
C HIS C 267 -23.30 23.16 23.57
N ARG C 268 -22.85 23.07 24.84
CA ARG C 268 -22.37 21.86 25.50
C ARG C 268 -22.50 21.99 27.03
N VAL C 275 -15.64 20.95 34.85
CA VAL C 275 -14.39 21.66 34.50
C VAL C 275 -13.24 21.12 35.35
N LEU C 276 -12.29 20.44 34.69
CA LEU C 276 -11.10 19.84 35.30
C LEU C 276 -10.15 20.89 35.90
N LYS C 277 -9.96 20.81 37.23
CA LYS C 277 -9.10 21.71 38.01
C LYS C 277 -8.12 20.92 38.90
N CYS C 278 -6.88 21.43 39.00
CA CYS C 278 -5.82 20.82 39.81
C CYS C 278 -5.25 21.80 40.85
N TYR C 279 -4.69 21.25 41.95
CA TYR C 279 -4.11 22.02 43.06
C TYR C 279 -2.57 21.93 43.07
N LEU C 280 -1.90 22.80 43.84
CA LEU C 280 -0.43 22.83 43.94
C LEU C 280 0.16 21.76 44.88
N HIS C 281 -0.69 21.00 45.60
CA HIS C 281 -0.28 19.91 46.50
C HIS C 281 -0.34 18.53 45.79
N GLU C 282 -0.42 18.54 44.45
CA GLU C 282 -0.50 17.35 43.60
C GLU C 282 0.81 17.16 42.83
N THR C 283 1.29 15.90 42.70
CA THR C 283 2.53 15.56 41.98
C THR C 283 2.41 15.76 40.46
N LEU C 284 3.53 16.17 39.82
CA LEU C 284 3.63 16.41 38.38
C LEU C 284 3.27 15.18 37.54
N GLU C 285 3.66 13.98 38.02
CA GLU C 285 3.37 12.69 37.38
C GLU C 285 1.86 12.39 37.42
N ALA C 286 1.18 12.82 38.52
CA ALA C 286 -0.26 12.66 38.72
C ALA C 286 -1.01 13.74 37.93
N ILE C 287 -0.36 14.92 37.73
CA ILE C 287 -0.90 16.05 36.96
C ILE C 287 -0.90 15.68 35.47
N ILE C 288 0.20 15.04 34.99
CA ILE C 288 0.36 14.55 33.61
C ILE C 288 -0.63 13.40 33.37
N ASN C 289 -0.84 12.54 34.39
CA ASN C 289 -1.77 11.41 34.34
C ASN C 289 -3.23 11.86 34.23
N ARG C 290 -3.63 12.90 35.00
CA ARG C 290 -4.97 13.48 35.02
C ARG C 290 -5.36 14.16 33.70
N LEU C 291 -4.36 14.79 33.04
CA LEU C 291 -4.51 15.51 31.76
C LEU C 291 -4.92 14.59 30.62
N VAL C 292 -4.14 13.51 30.39
CA VAL C 292 -4.35 12.54 29.32
C VAL C 292 -5.60 11.66 29.58
N GLU C 293 -5.98 11.46 30.87
CA GLU C 293 -7.15 10.68 31.30
C GLU C 293 -8.46 11.31 30.82
N ALA C 294 -8.46 12.64 30.59
CA ALA C 294 -9.60 13.42 30.09
C ALA C 294 -9.30 13.95 28.67
N GLU C 295 -8.01 13.90 28.26
CA GLU C 295 -7.47 14.34 26.96
C GLU C 295 -7.70 15.85 26.70
N VAL C 296 -7.26 16.69 27.65
CA VAL C 296 -7.39 18.16 27.61
C VAL C 296 -6.03 18.82 27.31
N HIS C 297 -6.03 20.03 26.74
CA HIS C 297 -4.83 20.78 26.34
C HIS C 297 -4.13 21.55 27.49
N ARG C 298 -4.81 21.76 28.65
CA ARG C 298 -4.25 22.45 29.82
C ARG C 298 -5.06 22.21 31.10
N LEU C 299 -4.41 22.43 32.27
CA LEU C 299 -5.02 22.29 33.60
C LEU C 299 -4.94 23.63 34.32
N VAL C 300 -6.04 24.03 34.99
CA VAL C 300 -6.11 25.32 35.72
C VAL C 300 -5.73 25.12 37.19
N VAL C 301 -4.76 25.93 37.67
CA VAL C 301 -4.28 25.89 39.05
C VAL C 301 -5.24 26.70 39.94
N VAL C 302 -6.08 25.99 40.70
CA VAL C 302 -7.07 26.58 41.62
C VAL C 302 -6.66 26.38 43.08
N ASP C 303 -6.95 27.38 43.94
CA ASP C 303 -6.62 27.33 45.37
C ASP C 303 -7.64 26.49 46.18
N GLU C 304 -7.58 26.55 47.52
CA GLU C 304 -8.50 25.82 48.42
C GLU C 304 -9.95 26.31 48.35
N HIS C 305 -10.17 27.56 47.87
CA HIS C 305 -11.50 28.17 47.74
C HIS C 305 -11.95 28.34 46.26
N ASP C 306 -11.53 27.39 45.38
CA ASP C 306 -11.85 27.28 43.94
C ASP C 306 -11.44 28.52 43.08
N VAL C 307 -10.60 29.42 43.60
CA VAL C 307 -10.15 30.62 42.90
C VAL C 307 -8.88 30.39 42.07
N VAL C 308 -8.78 31.05 40.90
CA VAL C 308 -7.66 30.96 39.97
C VAL C 308 -6.34 31.47 40.55
N LYS C 309 -5.25 30.70 40.36
CA LYS C 309 -3.90 31.01 40.85
C LYS C 309 -2.84 30.99 39.73
N GLY C 310 -3.09 30.16 38.71
CA GLY C 310 -2.21 29.99 37.56
C GLY C 310 -2.72 28.96 36.56
N ILE C 311 -1.88 28.63 35.56
CA ILE C 311 -2.22 27.63 34.54
C ILE C 311 -1.00 26.80 34.13
N VAL C 312 -1.23 25.50 33.91
CA VAL C 312 -0.21 24.55 33.47
C VAL C 312 -0.68 23.94 32.14
N SER C 313 0.00 24.31 31.05
CA SER C 313 -0.35 23.86 29.69
C SER C 313 0.62 22.81 29.16
N LEU C 314 0.15 22.03 28.17
CA LEU C 314 0.88 20.98 27.47
C LEU C 314 2.18 21.51 26.84
N SER C 315 2.22 22.82 26.53
CA SER C 315 3.39 23.52 25.97
C SER C 315 4.50 23.59 27.03
N ASP C 316 4.12 23.83 28.30
CA ASP C 316 5.01 23.96 29.47
C ASP C 316 5.61 22.61 29.90
N ILE C 317 4.77 21.56 29.99
CA ILE C 317 5.17 20.19 30.38
C ILE C 317 6.24 19.68 29.42
N LEU C 318 6.01 19.82 28.11
CA LEU C 318 6.95 19.41 27.07
C LEU C 318 8.18 20.32 26.99
N GLN C 319 8.10 21.56 27.53
CA GLN C 319 9.24 22.49 27.59
C GLN C 319 10.18 22.03 28.71
N ALA C 320 9.62 21.66 29.88
CA ALA C 320 10.35 21.18 31.06
C ALA C 320 11.04 19.84 30.80
N LEU C 321 10.43 18.99 29.96
CA LEU C 321 10.95 17.67 29.59
C LEU C 321 11.79 17.73 28.29
N VAL C 322 12.61 18.81 28.17
CA VAL C 322 13.52 19.10 27.04
C VAL C 322 14.79 19.77 27.56
#